data_5C46
#
_entry.id   5C46
#
_cell.length_a   48.940
_cell.length_b   97.950
_cell.length_c   190.430
_cell.angle_alpha   90.000
_cell.angle_beta   90.000
_cell.angle_gamma   90.000
#
_symmetry.space_group_name_H-M   'P 21 21 21'
#
loop_
_entity.id
_entity.type
_entity.pdbx_description
1 polymer 'Phosphatidylinositol 4-kinase beta'
2 polymer 'Ras-related protein Rab-11A'
3 non-polymer 'SULFATE ION'
4 non-polymer "5'-GUANOSINE-DIPHOSPHATE-MONOTHIOPHOSPHATE"
5 non-polymer 'MAGNESIUM ION'
6 water water
#
loop_
_entity_poly.entity_id
_entity_poly.type
_entity_poly.pdbx_seq_one_letter_code
_entity_poly.pdbx_strand_id
1 'polypeptide(L)'
;GSHMQNNSAKQSWLLRLFESKLFDISMAISYLYNSKEPGVQAYIGNRLFCFRNEDVDFYLPQLLNMYIHMDEDVGDAIKP
YIVHRCRQSINFSLQCALLLGAYSSDMHISTQRHSRGTKLRKLILSDELKPANLKRTAANPKVENEDEPVRLAPEREFIK
SLMAIGKRLATLPTKEQKTQRLISELSLLNHKLPARVWLPTAGFDHHVVRVPHTQAVVLNSKDKAPYLIYVEVLECENFD
TTSVPARIPENRRDPEDPSAVALKEPWQEKVRRIREGSPYGHLPNWRLLSVIVKCGDDLRQELLAFQVLKQLQSIWEQER
VPLWIKPYKILVISADSGMIEPVVNAVSIHQVKKQSQLSLLDYFLQEHGSYTTEAFLSAQRNFVQSCAGYCLVCYLLQVK
DRHNGNILLDAEGHIIHIDFGFILSSSPRNLGFETSAFKLTTEFVDVMGGLDGDMFNYYKMLMLQGLIAARKHMDKVVQI
VEIMQQGSQLPCFHGSSTIRNLKERFHMSMTEEQLQLLVEQMVDGSMRS
;
E
2 'polypeptide(L)'
;GSHMGTRDDEYDYLFKVVLIGDSGVGKSNLLSRFTRNEFNLESKSTIGVEFATRSIQVDGKTIKAQIWDTAGLERYRAIT
SAYYRGAVGALLVYDIAKHLTYENVERWLKELRDHADSNIVIMLVGNKSDLRHLRAVPTDEARAFAEKNGLSFIETSALD
STNVEAAFQTILTEIYRIVSQKQMSDRRENDMSPSNNVVPIHVPPTTENKPKVQCCQNI
;
F
#
loop_
_chem_comp.id
_chem_comp.type
_chem_comp.name
_chem_comp.formula
GSP non-polymer 5'-GUANOSINE-DIPHOSPHATE-MONOTHIOPHOSPHATE 'C10 H16 N5 O13 P3 S'
MG non-polymer 'MAGNESIUM ION' 'Mg 2'
SO4 non-polymer 'SULFATE ION' 'O4 S -2'
#
# COMPACT_ATOMS: atom_id res chain seq x y z
N SER A 12 -25.94 3.02 10.77
CA SER A 12 -25.84 2.58 9.39
C SER A 12 -25.05 3.57 8.55
N TRP A 13 -24.72 4.71 9.13
CA TRP A 13 -23.98 5.76 8.43
C TRP A 13 -22.61 5.28 7.96
N LEU A 14 -21.91 4.58 8.84
CA LEU A 14 -20.58 4.07 8.54
C LEU A 14 -20.62 3.05 7.40
N LEU A 15 -21.64 2.20 7.41
CA LEU A 15 -21.83 1.21 6.36
C LEU A 15 -22.17 1.90 5.05
N ARG A 16 -22.95 2.99 5.13
CA ARG A 16 -23.28 3.78 3.97
C ARG A 16 -22.02 4.42 3.39
N LEU A 17 -21.07 4.73 4.27
CA LEU A 17 -19.82 5.33 3.86
C LEU A 17 -18.89 4.32 3.18
N PHE A 18 -18.71 3.17 3.80
CA PHE A 18 -17.80 2.14 3.30
C PHE A 18 -18.25 1.59 1.95
N GLU A 19 -19.53 1.76 1.63
CA GLU A 19 -20.07 1.25 0.38
C GLU A 19 -20.39 2.38 -0.59
N SER A 20 -20.04 3.60 -0.19
CA SER A 20 -20.22 4.76 -1.08
C SER A 20 -19.05 4.88 -2.04
N LYS A 21 -19.10 5.89 -2.90
CA LYS A 21 -18.05 6.09 -3.90
C LYS A 21 -16.81 6.73 -3.29
N LEU A 22 -16.91 7.18 -2.05
CA LEU A 22 -15.82 7.87 -1.37
C LEU A 22 -14.81 6.90 -0.76
N PHE A 23 -15.09 5.61 -0.86
CA PHE A 23 -14.28 4.60 -0.20
C PHE A 23 -13.17 4.07 -1.08
N ASP A 24 -11.99 4.69 -1.00
CA ASP A 24 -10.82 4.21 -1.71
C ASP A 24 -9.88 3.47 -0.77
N ILE A 25 -8.74 3.02 -1.29
CA ILE A 25 -7.77 2.29 -0.48
C ILE A 25 -7.24 3.18 0.66
N SER A 26 -7.19 4.48 0.41
CA SER A 26 -6.71 5.45 1.39
C SER A 26 -7.58 5.43 2.66
N MET A 27 -8.87 5.64 2.49
CA MET A 27 -9.80 5.68 3.62
C MET A 27 -9.91 4.30 4.26
N ALA A 28 -9.81 3.26 3.44
CA ALA A 28 -9.84 1.89 3.91
C ALA A 28 -8.72 1.65 4.92
N ILE A 29 -7.50 2.00 4.51
CA ILE A 29 -6.33 1.84 5.37
C ILE A 29 -6.40 2.78 6.57
N SER A 30 -6.98 3.96 6.36
CA SER A 30 -7.16 4.90 7.46
C SER A 30 -8.01 4.31 8.58
N TYR A 31 -9.18 3.78 8.21
CA TYR A 31 -10.06 3.15 9.17
C TYR A 31 -9.44 1.91 9.77
N LEU A 32 -8.72 1.14 8.94
CA LEU A 32 -8.02 -0.04 9.40
C LEU A 32 -6.97 0.32 10.46
N TYR A 33 -6.44 1.54 10.34
CA TYR A 33 -5.41 2.02 11.24
C TYR A 33 -5.99 2.60 12.52
N ASN A 34 -7.20 3.17 12.42
CA ASN A 34 -7.81 3.84 13.56
C ASN A 34 -8.83 3.00 14.33
N SER A 35 -9.65 2.24 13.60
CA SER A 35 -10.75 1.51 14.23
C SER A 35 -10.26 0.37 15.13
N LYS A 36 -10.92 0.21 16.27
CA LYS A 36 -10.62 -0.87 17.20
C LYS A 36 -11.77 -1.88 17.23
N GLU A 37 -12.61 -1.85 16.20
CA GLU A 37 -13.74 -2.75 16.09
C GLU A 37 -13.42 -3.92 15.15
N PRO A 38 -13.45 -5.15 15.68
CA PRO A 38 -13.15 -6.39 14.94
C PRO A 38 -13.98 -6.53 13.67
N GLY A 39 -15.23 -6.12 13.72
CA GLY A 39 -16.11 -6.18 12.56
C GLY A 39 -15.62 -5.28 11.44
N VAL A 40 -15.15 -4.10 11.82
CA VAL A 40 -14.60 -3.14 10.85
C VAL A 40 -13.29 -3.65 10.25
N GLN A 41 -12.41 -4.15 11.12
CA GLN A 41 -11.13 -4.70 10.68
C GLN A 41 -11.33 -5.86 9.72
N ALA A 42 -12.30 -6.72 10.03
CA ALA A 42 -12.61 -7.86 9.17
C ALA A 42 -13.22 -7.40 7.85
N TYR A 43 -14.13 -6.44 7.93
CA TYR A 43 -14.79 -5.89 6.75
C TYR A 43 -13.78 -5.32 5.78
N ILE A 44 -12.84 -4.52 6.29
CA ILE A 44 -11.82 -3.90 5.47
C ILE A 44 -10.81 -4.92 4.96
N GLY A 45 -10.47 -5.88 5.83
CA GLY A 45 -9.57 -6.96 5.46
C GLY A 45 -10.10 -7.77 4.29
N ASN A 46 -11.42 -7.94 4.24
CA ASN A 46 -12.07 -8.60 3.12
C ASN A 46 -12.21 -7.65 1.93
N ARG A 47 -12.34 -6.36 2.23
CA ARG A 47 -12.55 -5.34 1.22
C ARG A 47 -11.29 -5.10 0.40
N LEU A 48 -10.13 -5.42 0.98
CA LEU A 48 -8.85 -5.25 0.30
C LEU A 48 -8.80 -6.04 -1.01
N PHE A 49 -9.51 -7.16 -1.05
CA PHE A 49 -9.54 -8.01 -2.22
C PHE A 49 -10.25 -7.35 -3.39
N CYS A 50 -11.08 -6.35 -3.08
CA CYS A 50 -11.91 -5.70 -4.09
C CYS A 50 -11.21 -4.54 -4.79
N PHE A 51 -10.05 -4.15 -4.28
CA PHE A 51 -9.29 -3.04 -4.86
C PHE A 51 -8.32 -3.53 -5.93
N ARG A 52 -8.06 -2.67 -6.91
CA ARG A 52 -7.06 -2.97 -7.94
C ARG A 52 -5.70 -3.16 -7.30
N ASN A 53 -4.94 -4.12 -7.82
CA ASN A 53 -3.63 -4.46 -7.25
C ASN A 53 -2.68 -3.27 -7.19
N GLU A 54 -2.64 -2.47 -8.25
CA GLU A 54 -1.73 -1.33 -8.33
C GLU A 54 -2.10 -0.24 -7.34
N ASP A 55 -3.35 -0.24 -6.88
CA ASP A 55 -3.82 0.74 -5.91
C ASP A 55 -3.32 0.41 -4.51
N VAL A 56 -3.31 -0.88 -4.17
CA VAL A 56 -2.88 -1.33 -2.86
C VAL A 56 -1.36 -1.42 -2.78
N ASP A 57 -0.74 -1.74 -3.92
CA ASP A 57 0.71 -1.86 -4.03
C ASP A 57 1.43 -0.60 -3.56
N PHE A 58 0.88 0.56 -3.90
CA PHE A 58 1.46 1.84 -3.50
C PHE A 58 1.49 1.97 -1.98
N TYR A 59 0.51 1.38 -1.32
CA TYR A 59 0.38 1.48 0.14
C TYR A 59 0.92 0.24 0.85
N LEU A 60 1.51 -0.68 0.10
CA LEU A 60 2.10 -1.90 0.67
C LEU A 60 3.04 -1.68 1.87
N PRO A 61 3.97 -0.69 1.80
CA PRO A 61 4.84 -0.50 2.97
C PRO A 61 4.07 -0.13 4.23
N GLN A 62 3.04 0.70 4.08
CA GLN A 62 2.18 1.05 5.20
C GLN A 62 1.49 -0.17 5.78
N LEU A 63 0.97 -1.02 4.90
CA LEU A 63 0.27 -2.23 5.31
C LEU A 63 1.18 -3.18 6.09
N LEU A 64 2.36 -3.44 5.55
CA LEU A 64 3.30 -4.35 6.20
C LEU A 64 3.82 -3.75 7.51
N ASN A 65 4.00 -2.44 7.53
CA ASN A 65 4.41 -1.76 8.76
C ASN A 65 3.34 -1.92 9.84
N MET A 66 2.08 -1.80 9.43
CA MET A 66 0.96 -2.02 10.34
C MET A 66 0.95 -3.46 10.84
N TYR A 67 1.24 -4.39 9.93
CA TYR A 67 1.31 -5.81 10.28
C TYR A 67 2.35 -6.07 11.36
N ILE A 68 3.52 -5.44 11.20
CA ILE A 68 4.64 -5.69 12.10
C ILE A 68 4.49 -4.98 13.45
N HIS A 69 4.13 -3.70 13.41
CA HIS A 69 4.22 -2.86 14.62
C HIS A 69 2.89 -2.49 15.26
N MET A 70 1.84 -3.25 14.98
CA MET A 70 0.55 -3.01 15.62
C MET A 70 -0.06 -4.30 16.16
N ASP A 71 -1.16 -4.17 16.88
CA ASP A 71 -1.81 -5.31 17.53
C ASP A 71 -2.18 -6.39 16.52
N GLU A 72 -2.26 -7.63 17.00
CA GLU A 72 -2.41 -8.79 16.12
C GLU A 72 -3.76 -8.84 15.40
N ASP A 73 -4.71 -8.03 15.83
CA ASP A 73 -6.01 -7.96 15.16
C ASP A 73 -5.84 -7.36 13.76
N VAL A 74 -5.12 -6.25 13.70
CA VAL A 74 -4.83 -5.60 12.43
C VAL A 74 -4.04 -6.52 11.51
N GLY A 75 -2.99 -7.12 12.06
CA GLY A 75 -2.16 -8.05 11.32
C GLY A 75 -2.92 -9.23 10.78
N ASP A 76 -3.82 -9.78 11.59
CA ASP A 76 -4.64 -10.91 11.16
C ASP A 76 -5.70 -10.46 10.14
N ALA A 77 -6.04 -9.18 10.17
CA ALA A 77 -6.98 -8.64 9.20
C ALA A 77 -6.31 -8.47 7.83
N ILE A 78 -5.04 -8.09 7.84
CA ILE A 78 -4.30 -7.83 6.60
C ILE A 78 -3.71 -9.11 5.99
N LYS A 79 -3.35 -10.06 6.86
CA LYS A 79 -2.64 -11.26 6.45
C LYS A 79 -3.26 -12.06 5.28
N PRO A 80 -4.59 -12.26 5.26
CA PRO A 80 -5.15 -13.05 4.15
C PRO A 80 -4.87 -12.44 2.77
N TYR A 81 -5.04 -11.12 2.66
CA TYR A 81 -4.77 -10.43 1.39
C TYR A 81 -3.33 -10.61 0.97
N ILE A 82 -2.40 -10.38 1.91
CA ILE A 82 -0.98 -10.50 1.63
C ILE A 82 -0.61 -11.91 1.18
N VAL A 83 -1.17 -12.90 1.86
CA VAL A 83 -0.93 -14.29 1.50
C VAL A 83 -1.43 -14.60 0.09
N HIS A 84 -2.65 -14.16 -0.20
CA HIS A 84 -3.24 -14.36 -1.52
C HIS A 84 -2.40 -13.72 -2.63
N ARG A 85 -2.06 -12.45 -2.44
CA ARG A 85 -1.26 -11.70 -3.41
C ARG A 85 0.12 -12.33 -3.59
N CYS A 86 0.68 -12.86 -2.51
CA CYS A 86 1.96 -13.54 -2.59
C CYS A 86 1.83 -14.83 -3.40
N ARG A 87 0.69 -15.51 -3.25
CA ARG A 87 0.43 -16.71 -4.03
C ARG A 87 0.25 -16.36 -5.50
N GLN A 88 -0.25 -15.16 -5.78
CA GLN A 88 -0.47 -14.72 -7.15
C GLN A 88 0.82 -14.26 -7.85
N SER A 89 1.55 -13.36 -7.21
CA SER A 89 2.75 -12.78 -7.82
C SER A 89 4.01 -13.09 -7.02
N ILE A 90 5.02 -13.62 -7.70
CA ILE A 90 6.30 -13.93 -7.07
C ILE A 90 7.06 -12.63 -6.78
N ASN A 91 6.83 -11.62 -7.62
CA ASN A 91 7.41 -10.30 -7.40
C ASN A 91 6.86 -9.71 -6.11
N PHE A 92 5.56 -9.87 -5.90
CA PHE A 92 4.92 -9.39 -4.68
C PHE A 92 5.46 -10.13 -3.47
N SER A 93 5.76 -11.41 -3.66
CA SER A 93 6.36 -12.22 -2.60
C SER A 93 7.73 -11.66 -2.22
N LEU A 94 8.54 -11.37 -3.23
CA LEU A 94 9.85 -10.76 -3.02
C LEU A 94 9.74 -9.45 -2.27
N GLN A 95 8.91 -8.55 -2.77
CA GLN A 95 8.68 -7.25 -2.14
C GLN A 95 8.26 -7.39 -0.68
N CYS A 96 7.37 -8.34 -0.43
CA CYS A 96 6.89 -8.61 0.92
C CYS A 96 8.02 -9.08 1.85
N ALA A 97 8.79 -10.05 1.39
CA ALA A 97 9.89 -10.57 2.20
C ALA A 97 10.90 -9.47 2.51
N LEU A 98 11.23 -8.67 1.50
CA LEU A 98 12.17 -7.57 1.66
C LEU A 98 11.68 -6.54 2.67
N LEU A 99 10.46 -6.04 2.46
CA LEU A 99 9.89 -5.02 3.35
C LEU A 99 9.71 -5.54 4.79
N LEU A 100 9.36 -6.81 4.91
CA LEU A 100 9.19 -7.43 6.23
C LEU A 100 10.53 -7.54 6.95
N GLY A 101 11.58 -7.89 6.20
CA GLY A 101 12.90 -8.01 6.77
C GLY A 101 13.48 -6.66 7.17
N ALA A 102 13.27 -5.67 6.33
CA ALA A 102 13.89 -4.36 6.51
C ALA A 102 13.26 -3.54 7.63
N TYR A 103 11.98 -3.76 7.89
CA TYR A 103 11.24 -2.98 8.87
C TYR A 103 10.98 -3.73 10.17
N SER A 104 11.80 -4.74 10.45
CA SER A 104 11.66 -5.49 11.68
C SER A 104 12.95 -5.47 12.50
N SER A 105 12.90 -4.76 13.63
CA SER A 105 14.06 -4.66 14.51
C SER A 105 13.65 -4.34 15.94
N ARG A 116 7.61 -9.10 14.29
CA ARG A 116 6.55 -10.10 14.28
C ARG A 116 6.55 -10.93 13.00
N GLY A 117 6.68 -10.25 11.87
CA GLY A 117 6.52 -10.89 10.57
C GLY A 117 7.70 -11.73 10.09
N THR A 118 8.50 -12.23 11.03
CA THR A 118 9.62 -13.10 10.68
C THR A 118 9.11 -14.44 10.17
N LYS A 119 8.11 -14.98 10.85
CA LYS A 119 7.50 -16.25 10.45
C LYS A 119 6.85 -16.15 9.08
N LEU A 120 6.14 -15.05 8.85
CA LEU A 120 5.49 -14.82 7.56
C LEU A 120 6.52 -14.66 6.46
N ARG A 121 7.60 -13.95 6.76
CA ARG A 121 8.68 -13.73 5.82
C ARG A 121 9.32 -15.05 5.41
N LYS A 122 9.65 -15.88 6.41
CA LYS A 122 10.23 -17.19 6.16
C LYS A 122 9.25 -18.08 5.39
N LEU A 123 7.95 -17.90 5.65
CA LEU A 123 6.91 -18.66 4.96
C LEU A 123 6.87 -18.26 3.49
N ILE A 124 7.06 -16.97 3.22
CA ILE A 124 7.10 -16.47 1.85
C ILE A 124 8.34 -16.97 1.11
N LEU A 125 9.47 -16.92 1.79
CA LEU A 125 10.74 -17.35 1.19
C LEU A 125 10.76 -18.87 0.94
N SER A 126 10.06 -19.62 1.78
CA SER A 126 10.04 -21.08 1.67
C SER A 126 9.05 -21.57 0.62
N ASP A 127 8.16 -20.67 0.20
CA ASP A 127 7.12 -20.99 -0.79
C ASP A 127 6.24 -22.16 -0.34
N ARG A 151 12.49 -21.57 -5.39
CA ARG A 151 11.69 -20.81 -6.35
C ARG A 151 12.13 -19.35 -6.39
N LEU A 152 12.44 -18.80 -5.22
CA LEU A 152 12.95 -17.43 -5.12
C LEU A 152 14.48 -17.42 -5.06
N ALA A 153 15.08 -18.60 -5.15
CA ALA A 153 16.52 -18.76 -5.04
C ALA A 153 17.33 -17.96 -6.09
N PRO A 154 16.98 -18.07 -7.39
CA PRO A 154 17.79 -17.32 -8.37
C PRO A 154 17.79 -15.81 -8.15
N GLU A 155 16.65 -15.27 -7.74
CA GLU A 155 16.52 -13.84 -7.50
C GLU A 155 17.37 -13.39 -6.32
N ARG A 156 17.29 -14.16 -5.23
CA ARG A 156 18.06 -13.85 -4.03
C ARG A 156 19.56 -13.96 -4.29
N GLU A 157 19.96 -14.99 -5.04
CA GLU A 157 21.36 -15.16 -5.39
C GLU A 157 21.85 -14.04 -6.30
N PHE A 158 20.97 -13.58 -7.18
CA PHE A 158 21.28 -12.48 -8.08
C PHE A 158 21.52 -11.19 -7.31
N ILE A 159 20.56 -10.84 -6.47
CA ILE A 159 20.65 -9.63 -5.63
C ILE A 159 21.87 -9.69 -4.72
N LYS A 160 22.09 -10.84 -4.10
CA LYS A 160 23.23 -11.04 -3.21
C LYS A 160 24.55 -10.90 -3.97
N SER A 161 24.55 -11.36 -5.23
CA SER A 161 25.74 -11.22 -6.07
C SER A 161 26.03 -9.76 -6.35
N LEU A 162 24.99 -9.01 -6.72
CA LEU A 162 25.13 -7.58 -6.98
C LEU A 162 25.65 -6.83 -5.75
N MET A 163 25.09 -7.16 -4.58
CA MET A 163 25.50 -6.51 -3.35
C MET A 163 26.92 -6.87 -2.95
N ALA A 164 27.29 -8.12 -3.20
CA ALA A 164 28.65 -8.58 -2.92
C ALA A 164 29.65 -7.82 -3.80
N ILE A 165 29.35 -7.74 -5.09
CA ILE A 165 30.15 -6.95 -6.02
C ILE A 165 30.28 -5.52 -5.53
N GLY A 166 29.16 -4.97 -5.06
CA GLY A 166 29.15 -3.62 -4.50
C GLY A 166 30.09 -3.47 -3.32
N LYS A 167 30.14 -4.48 -2.47
CA LYS A 167 30.98 -4.42 -1.28
C LYS A 167 32.47 -4.60 -1.59
N ARG A 168 32.77 -5.40 -2.60
CA ARG A 168 34.16 -5.72 -2.93
C ARG A 168 34.95 -4.53 -3.48
N LEU A 169 34.26 -3.46 -3.85
CA LEU A 169 34.91 -2.31 -4.48
C LEU A 169 35.53 -1.34 -3.48
N ALA A 170 35.47 -1.70 -2.20
CA ALA A 170 35.94 -0.80 -1.14
C ALA A 170 37.46 -0.68 -1.11
N THR A 171 38.15 -1.68 -1.64
CA THR A 171 39.62 -1.71 -1.61
C THR A 171 40.23 -0.75 -2.63
N LEU A 172 39.40 -0.20 -3.50
CA LEU A 172 39.86 0.74 -4.52
C LEU A 172 39.37 2.15 -4.21
N PRO A 173 40.30 3.06 -3.88
CA PRO A 173 39.97 4.40 -3.40
C PRO A 173 39.50 5.35 -4.51
N THR A 174 39.42 4.86 -5.74
CA THR A 174 39.11 5.73 -6.87
C THR A 174 37.89 5.25 -7.65
N LYS A 175 37.14 6.21 -8.20
CA LYS A 175 35.97 5.95 -9.02
C LYS A 175 36.28 5.05 -10.22
N GLU A 176 37.42 5.33 -10.86
CA GLU A 176 37.79 4.63 -12.09
C GLU A 176 38.29 3.21 -11.83
N GLN A 177 39.10 3.04 -10.79
CA GLN A 177 39.54 1.71 -10.38
C GLN A 177 38.34 0.85 -10.02
N LYS A 178 37.47 1.43 -9.19
CA LYS A 178 36.21 0.80 -8.82
C LYS A 178 35.41 0.39 -10.04
N THR A 179 35.35 1.27 -11.04
CA THR A 179 34.62 0.98 -12.27
C THR A 179 35.24 -0.21 -13.00
N GLN A 180 36.56 -0.24 -13.05
CA GLN A 180 37.27 -1.34 -13.70
C GLN A 180 36.94 -2.69 -13.04
N ARG A 181 37.08 -2.74 -11.72
CA ARG A 181 36.78 -3.97 -10.99
C ARG A 181 35.31 -4.34 -11.11
N LEU A 182 34.45 -3.32 -11.22
CA LEU A 182 33.03 -3.53 -11.39
C LEU A 182 32.73 -4.23 -12.71
N ILE A 183 33.35 -3.75 -13.78
CA ILE A 183 33.19 -4.36 -15.10
C ILE A 183 33.72 -5.79 -15.07
N SER A 184 34.86 -5.99 -14.41
CA SER A 184 35.42 -7.33 -14.27
C SER A 184 34.45 -8.29 -13.55
N GLU A 185 33.91 -7.84 -12.43
CA GLU A 185 32.99 -8.64 -11.62
C GLU A 185 31.70 -8.97 -12.37
N LEU A 186 31.15 -7.97 -13.05
CA LEU A 186 29.92 -8.14 -13.80
C LEU A 186 30.12 -9.04 -15.01
N SER A 187 31.35 -9.07 -15.53
CA SER A 187 31.70 -9.95 -16.63
C SER A 187 31.53 -11.42 -16.25
N LEU A 188 31.44 -11.70 -14.95
CA LEU A 188 31.33 -13.06 -14.46
C LEU A 188 29.89 -13.40 -14.03
N LEU A 189 28.98 -12.46 -14.21
CA LEU A 189 27.57 -12.70 -13.88
C LEU A 189 26.77 -13.17 -15.08
N ASN A 190 27.24 -12.81 -16.27
CA ASN A 190 26.55 -13.18 -17.50
C ASN A 190 26.54 -14.69 -17.74
N HIS A 191 27.51 -15.38 -17.15
CA HIS A 191 27.60 -16.83 -17.26
C HIS A 191 26.47 -17.50 -16.49
N LYS A 192 25.91 -16.79 -15.52
CA LYS A 192 24.82 -17.32 -14.71
C LYS A 192 23.46 -16.89 -15.25
N LEU A 193 23.47 -16.28 -16.44
CA LEU A 193 22.24 -15.81 -17.08
C LEU A 193 21.99 -16.57 -18.37
N PRO A 194 20.71 -16.69 -18.78
CA PRO A 194 19.50 -16.19 -18.11
C PRO A 194 19.00 -17.12 -17.00
N ALA A 195 18.10 -16.60 -16.18
CA ALA A 195 17.48 -17.38 -15.10
C ALA A 195 16.20 -16.69 -14.65
N ARG A 196 15.49 -17.31 -13.71
CA ARG A 196 14.28 -16.70 -13.16
C ARG A 196 14.66 -15.48 -12.32
N VAL A 197 15.10 -14.44 -13.01
CA VAL A 197 15.62 -13.23 -12.39
C VAL A 197 15.03 -12.00 -13.06
N TRP A 198 14.61 -11.03 -12.26
CA TRP A 198 14.02 -9.80 -12.78
C TRP A 198 14.41 -8.58 -11.95
N LEU A 199 14.14 -7.40 -12.50
CA LEU A 199 14.32 -6.16 -11.76
C LEU A 199 12.96 -5.60 -11.33
N PRO A 200 12.70 -5.62 -10.02
CA PRO A 200 11.43 -5.15 -9.44
C PRO A 200 11.17 -3.67 -9.72
N THR A 201 12.20 -2.93 -10.10
CA THR A 201 12.08 -1.51 -10.38
C THR A 201 11.51 -1.23 -11.76
N ALA A 202 11.16 -2.29 -12.49
CA ALA A 202 10.52 -2.15 -13.79
C ALA A 202 9.00 -2.23 -13.66
N GLY A 203 8.31 -1.53 -14.54
CA GLY A 203 6.86 -1.52 -14.51
C GLY A 203 6.25 -2.63 -15.34
N PHE A 204 7.01 -3.71 -15.52
CA PHE A 204 6.55 -4.84 -16.30
C PHE A 204 7.25 -6.14 -15.90
N ASP A 205 6.63 -7.26 -16.21
CA ASP A 205 7.22 -8.57 -15.92
C ASP A 205 8.21 -8.95 -17.02
N HIS A 206 9.32 -9.55 -16.61
CA HIS A 206 10.41 -9.84 -17.55
C HIS A 206 11.43 -10.82 -16.98
N HIS A 207 12.30 -11.30 -17.86
CA HIS A 207 13.43 -12.14 -17.46
C HIS A 207 14.75 -11.46 -17.82
N VAL A 208 15.63 -11.31 -16.84
CA VAL A 208 16.97 -10.78 -17.09
C VAL A 208 17.75 -11.77 -17.94
N VAL A 209 18.25 -11.31 -19.09
CA VAL A 209 18.98 -12.19 -19.99
C VAL A 209 20.43 -11.79 -20.19
N ARG A 210 20.74 -10.51 -20.05
CA ARG A 210 22.13 -10.08 -20.25
C ARG A 210 22.50 -8.85 -19.42
N VAL A 211 23.81 -8.63 -19.25
CA VAL A 211 24.32 -7.43 -18.60
C VAL A 211 25.53 -6.89 -19.35
N PRO A 212 25.36 -5.79 -20.10
CA PRO A 212 26.50 -5.14 -20.76
C PRO A 212 27.47 -4.59 -19.73
N HIS A 213 28.33 -5.47 -19.21
CA HIS A 213 29.24 -5.13 -18.12
C HIS A 213 30.15 -3.94 -18.41
N THR A 214 30.50 -3.76 -19.69
CA THR A 214 31.38 -2.66 -20.09
C THR A 214 30.71 -1.29 -19.92
N GLN A 215 29.39 -1.26 -19.93
CA GLN A 215 28.65 0.00 -19.88
C GLN A 215 28.38 0.47 -18.46
N ALA A 216 28.70 -0.38 -17.49
CA ALA A 216 28.48 -0.05 -16.09
C ALA A 216 29.52 0.95 -15.60
N VAL A 217 29.18 1.69 -14.54
CA VAL A 217 30.07 2.70 -14.01
C VAL A 217 29.77 3.00 -12.54
N VAL A 218 30.82 3.12 -11.73
CA VAL A 218 30.68 3.50 -10.33
C VAL A 218 30.49 5.01 -10.22
N LEU A 219 29.54 5.43 -9.38
CA LEU A 219 29.11 6.82 -9.36
C LEU A 219 30.01 7.75 -8.55
N ASN A 220 30.63 7.22 -7.49
CA ASN A 220 31.58 8.02 -6.72
C ASN A 220 32.73 7.18 -6.17
N SER A 221 33.59 7.81 -5.37
CA SER A 221 34.77 7.13 -4.85
C SER A 221 34.68 6.90 -3.35
N LYS A 222 33.47 6.85 -2.82
CA LYS A 222 33.26 6.62 -1.40
C LYS A 222 33.45 5.14 -1.06
N ASP A 223 33.37 4.83 0.24
CA ASP A 223 33.55 3.46 0.71
C ASP A 223 32.52 2.51 0.10
N LYS A 224 31.26 2.66 0.53
CA LYS A 224 30.17 1.88 -0.02
C LYS A 224 29.62 2.56 -1.26
N ALA A 225 30.46 2.68 -2.28
CA ALA A 225 30.10 3.40 -3.50
C ALA A 225 28.98 2.74 -4.27
N PRO A 226 27.92 3.50 -4.59
CA PRO A 226 26.82 3.01 -5.43
C PRO A 226 27.27 2.86 -6.87
N TYR A 227 26.76 1.87 -7.59
CA TYR A 227 27.17 1.71 -8.97
C TYR A 227 26.00 1.53 -9.93
N LEU A 228 26.12 2.16 -11.10
CA LEU A 228 25.07 2.12 -12.12
C LEU A 228 25.29 0.98 -13.10
N ILE A 229 24.25 0.19 -13.34
CA ILE A 229 24.33 -0.90 -14.32
C ILE A 229 23.14 -0.91 -15.27
N TYR A 230 23.41 -1.40 -16.48
CA TYR A 230 22.38 -1.58 -17.49
C TYR A 230 22.09 -3.07 -17.61
N VAL A 231 20.81 -3.42 -17.71
CA VAL A 231 20.40 -4.83 -17.75
C VAL A 231 19.47 -5.13 -18.92
N GLU A 232 19.92 -6.02 -19.81
CA GLU A 232 19.10 -6.47 -20.93
C GLU A 232 18.11 -7.53 -20.47
N VAL A 233 16.83 -7.26 -20.71
CA VAL A 233 15.76 -8.16 -20.29
C VAL A 233 14.75 -8.44 -21.41
N LEU A 234 13.92 -9.46 -21.21
CA LEU A 234 12.87 -9.82 -22.15
C LEU A 234 11.51 -9.76 -21.48
N GLU A 235 10.63 -8.88 -21.95
CA GLU A 235 9.33 -8.65 -21.32
C GLU A 235 8.27 -9.70 -21.69
N CYS A 236 7.60 -10.23 -20.68
CA CYS A 236 6.50 -11.17 -20.90
C CYS A 236 5.22 -10.64 -20.28
N GLU A 237 4.10 -11.27 -20.60
CA GLU A 237 2.80 -10.87 -20.05
C GLU A 237 2.74 -11.17 -18.55
N ASN A 238 3.11 -12.39 -18.19
CA ASN A 238 3.12 -12.81 -16.80
C ASN A 238 4.35 -13.63 -16.48
N PHE A 239 5.14 -13.15 -15.52
CA PHE A 239 6.39 -13.80 -15.13
C PHE A 239 6.16 -15.20 -14.58
N ASP A 240 5.08 -15.35 -13.81
CA ASP A 240 4.78 -16.62 -13.15
C ASP A 240 4.33 -17.69 -14.14
N THR A 241 3.98 -17.27 -15.35
CA THR A 241 3.49 -18.19 -16.38
C THR A 241 4.62 -18.71 -17.27
N THR A 242 5.32 -17.79 -17.93
CA THR A 242 6.37 -18.17 -18.87
C THR A 242 7.68 -18.49 -18.15
N SER A 243 8.38 -19.51 -18.64
CA SER A 243 9.63 -19.94 -18.04
C SER A 243 10.80 -19.10 -18.53
N VAL A 244 12.01 -19.58 -18.31
CA VAL A 244 13.22 -18.84 -18.67
C VAL A 244 13.58 -19.01 -20.15
N PRO A 245 14.06 -17.92 -20.77
CA PRO A 245 14.52 -17.95 -22.16
C PRO A 245 15.83 -18.72 -22.30
N ALA A 246 16.18 -19.10 -23.52
CA ALA A 246 17.43 -19.81 -23.79
C ALA A 246 18.58 -18.82 -23.94
N ARG A 247 19.81 -19.33 -23.80
CA ARG A 247 20.99 -18.48 -23.92
C ARG A 247 21.56 -18.53 -25.34
N ILE A 248 21.99 -17.38 -25.83
CA ILE A 248 22.61 -17.29 -27.15
C ILE A 248 23.85 -16.42 -27.11
N PRO A 249 25.04 -17.03 -27.30
CA PRO A 249 26.32 -16.31 -27.31
C PRO A 249 26.42 -15.30 -28.44
N ASP A 257 35.02 -6.46 -30.82
CA ASP A 257 34.74 -5.43 -29.82
C ASP A 257 34.26 -4.14 -30.45
N PRO A 258 33.01 -4.13 -30.93
CA PRO A 258 32.48 -2.96 -31.65
C PRO A 258 31.78 -1.96 -30.75
N SER A 259 30.76 -2.39 -30.02
CA SER A 259 29.91 -1.49 -29.27
C SER A 259 30.38 -1.19 -27.85
N ALA A 260 31.04 -2.16 -27.23
CA ALA A 260 31.38 -2.10 -25.80
C ALA A 260 32.30 -0.94 -25.41
N VAL A 261 31.93 0.27 -25.79
CA VAL A 261 32.66 1.45 -25.35
C VAL A 261 31.68 2.37 -24.61
N ALA A 262 32.04 2.72 -23.38
CA ALA A 262 31.15 3.52 -22.54
C ALA A 262 31.36 5.02 -22.72
N LEU A 263 30.46 5.64 -23.48
CA LEU A 263 30.51 7.08 -23.73
C LEU A 263 29.38 7.79 -23.02
N LYS A 264 29.55 9.09 -22.82
CA LYS A 264 28.52 9.89 -22.17
C LYS A 264 27.46 10.30 -23.20
N GLU A 265 26.82 9.29 -23.79
CA GLU A 265 25.81 9.49 -24.81
C GLU A 265 24.40 9.48 -24.19
N PRO A 266 23.42 10.12 -24.86
CA PRO A 266 22.03 10.10 -24.39
C PRO A 266 21.48 8.68 -24.22
N TRP A 267 20.34 8.56 -23.54
CA TRP A 267 19.75 7.25 -23.27
C TRP A 267 19.43 6.48 -24.54
N GLN A 268 18.84 7.16 -25.52
CA GLN A 268 18.46 6.53 -26.77
C GLN A 268 19.66 5.92 -27.50
N GLU A 269 20.75 6.68 -27.53
CA GLU A 269 21.98 6.23 -28.20
C GLU A 269 22.63 5.07 -27.46
N LYS A 270 22.57 5.11 -26.12
CA LYS A 270 23.01 3.99 -25.30
C LYS A 270 22.23 2.73 -25.66
N VAL A 271 20.90 2.87 -25.74
CA VAL A 271 20.03 1.76 -26.08
C VAL A 271 20.36 1.19 -27.45
N ARG A 272 20.49 2.06 -28.45
CA ARG A 272 20.84 1.63 -29.80
C ARG A 272 22.18 0.89 -29.83
N ARG A 273 23.18 1.48 -29.19
CA ARG A 273 24.52 0.88 -29.16
C ARG A 273 24.52 -0.50 -28.51
N ILE A 274 23.98 -0.58 -27.30
CA ILE A 274 23.95 -1.83 -26.56
C ILE A 274 23.13 -2.90 -27.29
N ARG A 275 22.01 -2.48 -27.88
CA ARG A 275 21.13 -3.40 -28.59
C ARG A 275 21.78 -3.95 -29.85
N GLU A 276 22.48 -3.10 -30.59
CA GLU A 276 23.12 -3.52 -31.84
C GLU A 276 24.19 -4.57 -31.59
N GLY A 277 24.86 -4.48 -30.45
CA GLY A 277 25.91 -5.42 -30.11
C GLY A 277 25.42 -6.57 -29.24
N SER A 278 24.12 -6.59 -28.97
CA SER A 278 23.53 -7.62 -28.13
C SER A 278 23.01 -8.81 -28.94
N PRO A 279 23.28 -10.03 -28.45
CA PRO A 279 22.78 -11.26 -29.08
C PRO A 279 21.25 -11.39 -28.96
N TYR A 280 20.66 -10.66 -28.01
CA TYR A 280 19.22 -10.69 -27.80
C TYR A 280 18.53 -9.48 -28.42
N GLY A 281 19.33 -8.56 -28.96
CA GLY A 281 18.83 -7.28 -29.44
C GLY A 281 17.89 -7.36 -30.63
N HIS A 282 17.99 -8.44 -31.40
CA HIS A 282 17.16 -8.59 -32.60
C HIS A 282 15.70 -8.89 -32.25
N LEU A 283 15.49 -9.39 -31.04
CA LEU A 283 14.15 -9.74 -30.58
C LEU A 283 13.30 -8.50 -30.31
N PRO A 284 12.02 -8.54 -30.72
CA PRO A 284 11.06 -7.48 -30.38
C PRO A 284 10.73 -7.52 -28.90
N ASN A 285 11.02 -8.65 -28.28
CA ASN A 285 10.86 -8.85 -26.85
C ASN A 285 11.87 -8.02 -26.05
N TRP A 286 13.04 -7.82 -26.63
CA TRP A 286 14.18 -7.18 -25.97
C TRP A 286 13.90 -5.76 -25.47
N ARG A 287 14.23 -5.50 -24.21
CA ARG A 287 14.18 -4.15 -23.65
C ARG A 287 15.34 -3.94 -22.68
N LEU A 288 15.81 -2.69 -22.59
CA LEU A 288 16.95 -2.37 -21.74
C LEU A 288 16.52 -1.60 -20.49
N LEU A 289 17.02 -2.05 -19.34
CA LEU A 289 16.75 -1.37 -18.08
C LEU A 289 18.03 -0.81 -17.48
N SER A 290 17.89 -0.02 -16.42
CA SER A 290 19.03 0.59 -15.76
C SER A 290 18.74 0.78 -14.28
N VAL A 291 19.65 0.33 -13.43
CA VAL A 291 19.47 0.49 -11.99
C VAL A 291 20.75 0.93 -11.28
N ILE A 292 20.57 1.63 -10.17
CA ILE A 292 21.66 2.03 -9.30
C ILE A 292 21.68 1.14 -8.07
N VAL A 293 22.73 0.33 -7.94
CA VAL A 293 22.87 -0.56 -6.80
C VAL A 293 23.60 0.14 -5.66
N LYS A 294 22.97 0.16 -4.49
CA LYS A 294 23.57 0.74 -3.29
C LYS A 294 23.70 -0.32 -2.21
N CYS A 295 24.92 -0.81 -2.01
CA CYS A 295 25.19 -1.91 -1.09
C CYS A 295 25.30 -1.45 0.36
N GLY A 296 25.45 -0.14 0.55
CA GLY A 296 25.59 0.42 1.89
C GLY A 296 24.81 1.70 2.09
N ASP A 297 23.53 1.67 1.75
CA ASP A 297 22.67 2.85 1.88
C ASP A 297 21.25 2.50 2.28
N ASP A 298 20.81 3.04 3.43
CA ASP A 298 19.44 2.87 3.88
C ASP A 298 18.50 3.73 3.05
N LEU A 299 17.59 3.09 2.33
CA LEU A 299 16.72 3.81 1.40
C LEU A 299 15.27 3.84 1.86
N ARG A 300 15.04 3.61 3.15
CA ARG A 300 13.69 3.59 3.69
C ARG A 300 13.06 4.98 3.71
N GLN A 301 13.80 5.95 4.24
CA GLN A 301 13.35 7.34 4.21
C GLN A 301 13.18 7.81 2.78
N GLU A 302 14.05 7.31 1.90
CA GLU A 302 13.95 7.61 0.47
C GLU A 302 12.65 7.09 -0.10
N LEU A 303 12.24 5.91 0.38
CA LEU A 303 10.98 5.30 -0.05
C LEU A 303 9.79 6.13 0.42
N LEU A 304 9.83 6.54 1.68
CA LEU A 304 8.79 7.41 2.23
C LEU A 304 8.67 8.69 1.40
N ALA A 305 9.80 9.33 1.16
CA ALA A 305 9.86 10.55 0.36
C ALA A 305 9.32 10.30 -1.05
N PHE A 306 9.60 9.12 -1.59
CA PHE A 306 9.07 8.74 -2.90
C PHE A 306 7.55 8.71 -2.89
N GLN A 307 6.98 8.09 -1.86
CA GLN A 307 5.54 8.02 -1.72
C GLN A 307 4.93 9.41 -1.60
N VAL A 308 5.54 10.26 -0.77
CA VAL A 308 5.09 11.63 -0.62
C VAL A 308 5.12 12.38 -1.95
N LEU A 309 6.18 12.15 -2.72
CA LEU A 309 6.35 12.76 -4.04
C LEU A 309 5.24 12.33 -4.99
N LYS A 310 4.98 11.03 -5.05
CA LYS A 310 3.91 10.50 -5.89
C LYS A 310 2.57 11.09 -5.49
N GLN A 311 2.34 11.22 -4.19
CA GLN A 311 1.09 11.75 -3.69
C GLN A 311 0.91 13.22 -4.09
N LEU A 312 1.92 14.04 -3.80
CA LEU A 312 1.87 15.46 -4.15
C LEU A 312 1.72 15.67 -5.65
N GLN A 313 2.38 14.79 -6.42
CA GLN A 313 2.27 14.82 -7.88
C GLN A 313 0.82 14.57 -8.30
N SER A 314 0.22 13.54 -7.73
CA SER A 314 -1.18 13.21 -7.99
C SER A 314 -2.09 14.38 -7.64
N ILE A 315 -1.83 15.01 -6.50
CA ILE A 315 -2.63 16.13 -6.02
C ILE A 315 -2.56 17.32 -6.97
N TRP A 316 -1.35 17.69 -7.35
CA TRP A 316 -1.15 18.82 -8.24
C TRP A 316 -1.74 18.55 -9.62
N GLU A 317 -1.66 17.30 -10.07
CA GLU A 317 -2.27 16.92 -11.35
C GLU A 317 -3.79 17.01 -11.27
N GLN A 318 -4.34 16.62 -10.13
CA GLN A 318 -5.79 16.64 -9.92
C GLN A 318 -6.33 18.06 -9.82
N GLU A 319 -5.56 18.94 -9.17
CA GLU A 319 -5.96 20.33 -8.99
C GLU A 319 -5.55 21.20 -10.16
N ARG A 320 -5.04 20.57 -11.22
CA ARG A 320 -4.60 21.27 -12.42
C ARG A 320 -3.56 22.36 -12.12
N VAL A 321 -2.57 22.00 -11.31
CA VAL A 321 -1.46 22.91 -11.02
C VAL A 321 -0.21 22.46 -11.77
N PRO A 322 0.30 23.31 -12.68
CA PRO A 322 1.42 22.97 -13.56
C PRO A 322 2.79 22.91 -12.87
N LEU A 323 2.84 22.32 -11.68
CA LEU A 323 4.11 22.05 -11.03
C LEU A 323 4.74 20.80 -11.62
N TRP A 324 6.04 20.65 -11.44
CA TRP A 324 6.73 19.53 -12.04
C TRP A 324 7.74 18.90 -11.07
N ILE A 325 7.56 17.62 -10.79
CA ILE A 325 8.54 16.85 -10.04
C ILE A 325 8.70 15.48 -10.69
N LYS A 326 9.80 14.81 -10.40
CA LYS A 326 10.08 13.52 -11.03
C LYS A 326 10.47 12.47 -9.99
N PRO A 327 9.47 11.80 -9.41
CA PRO A 327 9.73 10.70 -8.46
C PRO A 327 10.41 9.53 -9.16
N TYR A 328 11.49 9.03 -8.55
CA TYR A 328 12.17 7.86 -9.08
C TYR A 328 11.96 6.66 -8.15
N LYS A 329 11.73 5.49 -8.73
CA LYS A 329 11.36 4.30 -7.96
C LYS A 329 12.45 3.88 -6.98
N ILE A 330 12.02 3.43 -5.80
CA ILE A 330 12.93 3.00 -4.74
C ILE A 330 12.68 1.55 -4.36
N LEU A 331 13.74 0.76 -4.30
CA LEU A 331 13.62 -0.65 -3.90
C LEU A 331 14.41 -0.94 -2.63
N VAL A 332 13.70 -1.03 -1.51
CA VAL A 332 14.31 -1.39 -0.24
C VAL A 332 14.58 -2.89 -0.19
N ILE A 333 15.83 -3.27 -0.02
CA ILE A 333 16.22 -4.67 0.03
C ILE A 333 16.55 -5.07 1.47
N SER A 334 17.17 -4.15 2.19
CA SER A 334 17.42 -4.34 3.62
C SER A 334 17.41 -2.98 4.32
N ALA A 335 17.78 -2.98 5.60
CA ALA A 335 17.83 -1.73 6.35
C ALA A 335 19.14 -0.98 6.10
N ASP A 336 19.97 -1.53 5.22
CA ASP A 336 21.28 -0.94 4.94
C ASP A 336 21.69 -1.07 3.47
N SER A 337 20.75 -1.45 2.61
CA SER A 337 21.04 -1.59 1.19
C SER A 337 19.76 -1.51 0.35
N GLY A 338 19.92 -1.28 -0.95
CA GLY A 338 18.78 -1.20 -1.85
C GLY A 338 19.15 -0.79 -3.26
N MET A 339 18.13 -0.60 -4.10
CA MET A 339 18.34 -0.19 -5.48
C MET A 339 17.49 1.04 -5.81
N ILE A 340 17.96 1.83 -6.78
CA ILE A 340 17.24 3.02 -7.21
C ILE A 340 17.25 3.17 -8.72
N GLU A 341 16.07 3.22 -9.33
CA GLU A 341 15.98 3.44 -10.76
C GLU A 341 16.30 4.89 -11.09
N PRO A 342 17.43 5.10 -11.79
CA PRO A 342 17.92 6.46 -12.09
C PRO A 342 17.08 7.17 -13.14
N VAL A 343 17.12 8.50 -13.13
CA VAL A 343 16.44 9.28 -14.15
C VAL A 343 17.41 9.54 -15.32
N VAL A 344 17.00 9.10 -16.51
CA VAL A 344 17.88 9.17 -17.68
C VAL A 344 18.10 10.60 -18.15
N ASN A 345 19.20 10.80 -18.88
CA ASN A 345 19.55 12.10 -19.45
C ASN A 345 19.50 13.25 -18.45
N ALA A 346 20.15 13.07 -17.31
CA ALA A 346 20.15 14.09 -16.26
C ALA A 346 21.43 14.06 -15.45
N VAL A 347 22.08 15.22 -15.32
CA VAL A 347 23.31 15.32 -14.54
C VAL A 347 23.21 16.45 -13.50
N SER A 348 23.91 16.28 -12.38
CA SER A 348 23.86 17.26 -11.29
C SER A 348 24.32 18.63 -11.76
N ILE A 349 23.83 19.67 -11.08
CA ILE A 349 24.20 21.05 -11.40
C ILE A 349 25.71 21.25 -11.28
N HIS A 350 26.29 20.63 -10.25
CA HIS A 350 27.73 20.66 -10.04
C HIS A 350 28.49 20.13 -11.26
N GLN A 351 28.06 18.95 -11.73
CA GLN A 351 28.68 18.33 -12.89
C GLN A 351 28.54 19.20 -14.13
N VAL A 352 27.42 19.91 -14.22
CA VAL A 352 27.17 20.82 -15.33
C VAL A 352 28.14 22.00 -15.30
N LYS A 353 28.27 22.62 -14.14
CA LYS A 353 29.13 23.80 -14.00
C LYS A 353 30.60 23.42 -13.92
N LYS A 354 30.89 22.13 -13.86
CA LYS A 354 32.27 21.67 -13.82
C LYS A 354 32.74 21.23 -15.20
N GLN A 355 31.88 20.50 -15.91
CA GLN A 355 32.21 20.02 -17.25
C GLN A 355 32.23 21.16 -18.27
N SER A 356 31.21 22.01 -18.23
CA SER A 356 31.11 23.12 -19.17
C SER A 356 31.85 24.35 -18.64
N GLN A 357 32.10 24.36 -17.33
CA GLN A 357 32.74 25.49 -16.65
C GLN A 357 32.02 26.81 -16.94
N LEU A 358 30.70 26.78 -16.86
CA LEU A 358 29.88 27.96 -17.07
C LEU A 358 28.92 28.15 -15.90
N SER A 359 28.37 29.35 -15.78
CA SER A 359 27.28 29.59 -14.84
C SER A 359 26.03 28.92 -15.40
N LEU A 360 25.05 28.66 -14.55
CA LEU A 360 23.86 27.93 -14.96
C LEU A 360 23.11 28.67 -16.08
N LEU A 361 23.05 29.99 -15.98
CA LEU A 361 22.42 30.81 -17.00
C LEU A 361 23.18 30.71 -18.33
N ASP A 362 24.50 30.81 -18.24
CA ASP A 362 25.36 30.67 -19.42
C ASP A 362 25.17 29.31 -20.08
N TYR A 363 25.08 28.27 -19.25
CA TYR A 363 24.87 26.92 -19.76
C TYR A 363 23.51 26.81 -20.43
N PHE A 364 22.52 27.49 -19.87
CA PHE A 364 21.19 27.53 -20.47
C PHE A 364 21.23 28.21 -21.83
N LEU A 365 22.05 29.26 -21.94
CA LEU A 365 22.16 30.01 -23.19
C LEU A 365 22.97 29.26 -24.24
N GLN A 366 23.84 28.36 -23.79
CA GLN A 366 24.67 27.58 -24.70
C GLN A 366 23.92 26.35 -25.19
N GLU A 367 23.16 25.74 -24.29
CA GLU A 367 22.50 24.47 -24.56
C GLU A 367 21.14 24.65 -25.23
N HIS A 368 20.43 25.72 -24.87
CA HIS A 368 19.08 25.93 -25.38
C HIS A 368 18.96 27.16 -26.28
N GLY A 369 19.98 28.01 -26.27
CA GLY A 369 19.99 29.17 -27.14
C GLY A 369 19.72 30.48 -26.41
N SER A 370 19.73 31.57 -27.16
CA SER A 370 19.59 32.91 -26.57
C SER A 370 18.21 33.14 -25.97
N TYR A 371 18.00 34.34 -25.43
CA TYR A 371 16.80 34.68 -24.68
C TYR A 371 15.52 34.64 -25.52
N THR A 372 15.65 34.81 -26.83
CA THR A 372 14.49 34.92 -27.70
C THR A 372 14.16 33.61 -28.41
N THR A 373 15.00 32.60 -28.20
CA THR A 373 14.75 31.28 -28.79
C THR A 373 13.63 30.55 -28.05
N GLU A 374 12.89 29.72 -28.77
CA GLU A 374 11.80 28.95 -28.20
C GLU A 374 12.32 27.93 -27.18
N ALA A 375 13.46 27.32 -27.50
CA ALA A 375 14.04 26.29 -26.65
C ALA A 375 14.41 26.84 -25.27
N PHE A 376 14.96 28.05 -25.24
CA PHE A 376 15.33 28.66 -23.97
C PHE A 376 14.11 29.04 -23.15
N LEU A 377 13.08 29.51 -23.83
CA LEU A 377 11.84 29.91 -23.14
C LEU A 377 11.16 28.69 -22.53
N SER A 378 11.07 27.62 -23.31
CA SER A 378 10.50 26.36 -22.84
C SER A 378 11.31 25.80 -21.67
N ALA A 379 12.63 25.80 -21.81
CA ALA A 379 13.51 25.28 -20.77
C ALA A 379 13.43 26.12 -19.49
N GLN A 380 13.20 27.42 -19.65
CA GLN A 380 13.07 28.31 -18.52
C GLN A 380 11.74 28.08 -17.81
N ARG A 381 10.69 27.81 -18.59
CA ARG A 381 9.39 27.47 -18.03
C ARG A 381 9.50 26.19 -17.21
N ASN A 382 10.12 25.18 -17.79
CA ASN A 382 10.33 23.90 -17.11
C ASN A 382 11.15 24.08 -15.84
N PHE A 383 12.16 24.94 -15.91
CA PHE A 383 13.01 25.24 -14.77
C PHE A 383 12.20 25.89 -13.64
N VAL A 384 11.35 26.85 -14.00
CA VAL A 384 10.51 27.54 -13.04
C VAL A 384 9.55 26.58 -12.35
N GLN A 385 8.83 25.79 -13.15
CA GLN A 385 7.84 24.85 -12.64
C GLN A 385 8.47 23.79 -11.74
N SER A 386 9.60 23.23 -12.18
CA SER A 386 10.31 22.24 -11.39
C SER A 386 10.84 22.83 -10.08
N CYS A 387 11.34 24.07 -10.17
CA CYS A 387 11.84 24.76 -8.99
C CYS A 387 10.74 24.97 -7.96
N ALA A 388 9.57 25.42 -8.40
CA ALA A 388 8.45 25.63 -7.50
C ALA A 388 8.00 24.32 -6.86
N GLY A 389 7.84 23.30 -7.70
CA GLY A 389 7.46 21.98 -7.23
C GLY A 389 8.36 21.45 -6.15
N TYR A 390 9.67 21.43 -6.42
CA TYR A 390 10.63 20.90 -5.46
C TYR A 390 10.85 21.84 -4.27
N CYS A 391 10.50 23.11 -4.45
CA CYS A 391 10.44 24.04 -3.32
C CYS A 391 9.38 23.58 -2.34
N LEU A 392 8.18 23.33 -2.86
CA LEU A 392 7.09 22.87 -2.02
C LEU A 392 7.41 21.51 -1.38
N VAL A 393 8.01 20.62 -2.16
CA VAL A 393 8.43 19.33 -1.63
C VAL A 393 9.40 19.48 -0.47
N CYS A 394 10.44 20.29 -0.67
CA CYS A 394 11.47 20.50 0.35
C CYS A 394 10.90 21.18 1.59
N TYR A 395 9.93 22.07 1.40
CA TYR A 395 9.31 22.76 2.53
C TYR A 395 8.45 21.81 3.36
N LEU A 396 7.60 21.03 2.68
CA LEU A 396 6.70 20.12 3.37
C LEU A 396 7.43 18.97 4.05
N LEU A 397 8.40 18.38 3.35
CA LEU A 397 9.12 17.22 3.88
C LEU A 397 10.32 17.61 4.76
N GLN A 398 10.60 18.91 4.84
CA GLN A 398 11.78 19.41 5.56
C GLN A 398 13.05 18.73 5.06
N VAL A 399 13.29 18.81 3.76
CA VAL A 399 14.45 18.18 3.14
C VAL A 399 15.70 19.00 3.37
N LYS A 400 16.70 18.38 3.99
CA LYS A 400 17.97 19.07 4.28
C LYS A 400 19.08 18.55 3.38
N ASP A 401 20.30 19.02 3.64
CA ASP A 401 21.48 18.65 2.87
C ASP A 401 21.26 18.91 1.38
N ARG A 402 20.75 20.10 1.06
CA ARG A 402 20.46 20.47 -0.33
C ARG A 402 21.61 21.26 -0.95
N HIS A 403 22.30 20.64 -1.90
CA HIS A 403 23.35 21.32 -2.66
C HIS A 403 23.26 20.93 -4.13
N ASN A 404 24.20 21.44 -4.93
CA ASN A 404 24.17 21.19 -6.37
C ASN A 404 24.57 19.77 -6.74
N GLY A 405 25.09 19.03 -5.77
CA GLY A 405 25.39 17.62 -5.97
C GLY A 405 24.15 16.79 -5.85
N ASN A 406 23.12 17.35 -5.23
CA ASN A 406 21.84 16.67 -5.05
C ASN A 406 20.81 17.09 -6.10
N ILE A 407 20.94 18.31 -6.60
CA ILE A 407 20.01 18.82 -7.60
C ILE A 407 20.47 18.44 -9.01
N LEU A 408 19.60 17.75 -9.73
CA LEU A 408 19.91 17.30 -11.08
C LEU A 408 19.28 18.22 -12.12
N LEU A 409 19.74 18.08 -13.36
CA LEU A 409 19.25 18.87 -14.47
C LEU A 409 19.16 18.00 -15.71
N ASP A 410 18.03 18.07 -16.41
CA ASP A 410 17.81 17.27 -17.59
C ASP A 410 17.79 18.12 -18.86
N ALA A 411 17.61 17.47 -20.00
CA ALA A 411 17.66 18.13 -21.30
C ALA A 411 16.56 19.18 -21.47
N GLU A 412 15.42 18.95 -20.82
CA GLU A 412 14.28 19.84 -20.96
C GLU A 412 14.42 21.11 -20.11
N GLY A 413 15.28 21.05 -19.11
CA GLY A 413 15.51 22.19 -18.24
C GLY A 413 14.90 22.05 -16.86
N HIS A 414 14.31 20.89 -16.59
CA HIS A 414 13.76 20.61 -15.26
C HIS A 414 14.88 20.40 -14.25
N ILE A 415 14.63 20.76 -12.99
CA ILE A 415 15.52 20.36 -11.92
C ILE A 415 14.94 19.13 -11.25
N ILE A 416 15.81 18.25 -10.75
CA ILE A 416 15.36 17.02 -10.12
C ILE A 416 16.14 16.73 -8.84
N HIS A 417 15.54 17.00 -7.69
CA HIS A 417 16.18 16.70 -6.43
C HIS A 417 16.27 15.19 -6.21
N ILE A 418 17.44 14.73 -5.78
CA ILE A 418 17.64 13.32 -5.46
C ILE A 418 18.20 13.15 -4.05
N ASP A 419 18.46 11.90 -3.68
CA ASP A 419 19.01 11.56 -2.36
C ASP A 419 18.20 12.19 -1.24
N PHE A 420 16.94 11.79 -1.12
CA PHE A 420 16.06 12.35 -0.10
C PHE A 420 16.29 11.71 1.27
N GLY A 421 17.55 11.74 1.71
CA GLY A 421 17.86 11.39 3.08
C GLY A 421 17.76 12.64 3.91
N PHE A 422 17.74 12.48 5.24
CA PHE A 422 17.64 13.60 6.16
C PHE A 422 16.39 14.46 5.89
N ILE A 423 15.22 13.83 5.99
CA ILE A 423 13.95 14.55 5.86
C ILE A 423 13.25 14.63 7.21
N LEU A 424 12.22 15.48 7.28
CA LEU A 424 11.43 15.68 8.49
C LEU A 424 12.30 16.04 9.71
N SER A 425 12.34 15.15 10.70
CA SER A 425 13.02 15.43 11.96
C SER A 425 14.54 15.33 11.85
N SER A 426 15.03 14.38 11.07
CA SER A 426 16.47 14.13 10.97
C SER A 426 17.20 15.27 10.26
N SER A 427 18.35 15.66 10.80
CA SER A 427 19.14 16.74 10.24
C SER A 427 20.63 16.47 10.38
N PRO A 428 21.39 16.69 9.29
CA PRO A 428 22.85 16.49 9.30
C PRO A 428 23.58 17.59 10.06
N SER A 436 20.86 23.95 6.20
CA SER A 436 21.27 23.28 4.97
C SER A 436 20.08 22.89 4.10
N ALA A 437 18.96 23.58 4.27
CA ALA A 437 17.77 23.30 3.49
C ALA A 437 17.90 23.84 2.07
N PHE A 438 16.82 23.76 1.29
CA PHE A 438 16.84 24.25 -0.07
C PHE A 438 16.86 25.76 -0.10
N LYS A 439 17.77 26.32 -0.90
CA LYS A 439 17.93 27.77 -1.00
C LYS A 439 17.70 28.27 -2.41
N LEU A 440 17.37 29.56 -2.54
CA LEU A 440 17.30 30.20 -3.84
C LEU A 440 18.56 31.04 -4.06
N THR A 441 19.57 30.43 -4.67
CA THR A 441 20.81 31.12 -4.96
C THR A 441 20.61 32.18 -6.05
N THR A 442 21.58 33.07 -6.18
CA THR A 442 21.54 34.11 -7.22
C THR A 442 21.44 33.47 -8.60
N GLU A 443 22.07 32.31 -8.75
CA GLU A 443 22.12 31.60 -10.02
C GLU A 443 20.73 31.18 -10.51
N PHE A 444 19.96 30.58 -9.61
CA PHE A 444 18.62 30.11 -9.95
C PHE A 444 17.71 31.28 -10.34
N VAL A 445 17.79 32.36 -9.58
CA VAL A 445 17.01 33.57 -9.87
C VAL A 445 17.42 34.16 -11.21
N ASP A 446 18.72 34.10 -11.51
CA ASP A 446 19.24 34.55 -12.80
C ASP A 446 18.67 33.72 -13.94
N VAL A 447 18.57 32.41 -13.73
CA VAL A 447 17.97 31.53 -14.72
C VAL A 447 16.48 31.85 -14.90
N MET A 448 15.82 32.20 -13.80
CA MET A 448 14.39 32.53 -13.84
C MET A 448 14.15 33.96 -14.31
N GLY A 449 15.23 34.70 -14.55
CA GLY A 449 15.14 36.00 -15.19
C GLY A 449 15.08 37.23 -14.30
N GLY A 450 15.48 37.08 -13.04
CA GLY A 450 15.50 38.21 -12.13
C GLY A 450 14.34 38.22 -11.15
N LEU A 451 14.48 38.99 -10.07
CA LEU A 451 13.51 39.02 -8.99
C LEU A 451 12.17 39.63 -9.41
N ASP A 452 12.20 40.70 -10.17
CA ASP A 452 10.98 41.37 -10.60
C ASP A 452 10.46 40.81 -11.91
N GLY A 453 11.11 39.77 -12.41
CA GLY A 453 10.73 39.16 -13.67
C GLY A 453 9.38 38.49 -13.64
N ASP A 454 8.82 38.24 -14.82
CA ASP A 454 7.53 37.57 -14.92
C ASP A 454 7.61 36.13 -14.45
N MET A 455 8.70 35.46 -14.78
CA MET A 455 8.87 34.05 -14.46
C MET A 455 9.10 33.81 -12.98
N PHE A 456 9.65 34.80 -12.29
CA PHE A 456 9.88 34.67 -10.85
C PHE A 456 8.56 34.84 -10.10
N ASN A 457 7.79 35.85 -10.50
CA ASN A 457 6.46 36.04 -9.94
C ASN A 457 5.59 34.82 -10.21
N TYR A 458 5.70 34.29 -11.42
CA TYR A 458 4.98 33.08 -11.80
C TYR A 458 5.45 31.89 -10.98
N TYR A 459 6.73 31.91 -10.60
CA TYR A 459 7.30 30.87 -9.75
C TYR A 459 6.66 30.90 -8.36
N LYS A 460 6.65 32.08 -7.76
CA LYS A 460 6.01 32.26 -6.44
C LYS A 460 4.53 31.87 -6.48
N MET A 461 3.85 32.30 -7.55
CA MET A 461 2.44 31.98 -7.72
C MET A 461 2.22 30.49 -7.86
N LEU A 462 3.14 29.82 -8.55
CA LEU A 462 3.09 28.37 -8.68
C LEU A 462 3.21 27.73 -7.30
N MET A 463 4.10 28.27 -6.48
CA MET A 463 4.27 27.78 -5.12
C MET A 463 2.97 27.93 -4.31
N LEU A 464 2.35 29.10 -4.40
CA LEU A 464 1.09 29.35 -3.69
C LEU A 464 -0.01 28.40 -4.14
N GLN A 465 -0.16 28.26 -5.46
CA GLN A 465 -1.16 27.38 -6.05
C GLN A 465 -0.99 25.93 -5.59
N GLY A 466 0.24 25.44 -5.69
CA GLY A 466 0.55 24.09 -5.26
C GLY A 466 0.32 23.90 -3.77
N LEU A 467 0.54 24.97 -3.00
CA LEU A 467 0.34 24.92 -1.56
C LEU A 467 -1.14 24.77 -1.22
N ILE A 468 -1.98 25.57 -1.87
CA ILE A 468 -3.43 25.48 -1.68
C ILE A 468 -3.94 24.11 -2.12
N ALA A 469 -3.43 23.64 -3.25
CA ALA A 469 -3.75 22.31 -3.76
C ALA A 469 -3.41 21.24 -2.72
N ALA A 470 -2.26 21.38 -2.08
CA ALA A 470 -1.82 20.46 -1.04
C ALA A 470 -2.75 20.52 0.18
N ARG A 471 -3.17 21.73 0.52
CA ARG A 471 -4.11 21.92 1.63
C ARG A 471 -5.41 21.19 1.39
N LYS A 472 -5.92 21.27 0.17
CA LYS A 472 -7.20 20.62 -0.15
C LYS A 472 -7.15 19.09 -0.08
N HIS A 473 -5.94 18.53 -0.02
CA HIS A 473 -5.77 17.08 0.06
C HIS A 473 -4.70 16.71 1.07
N MET A 474 -4.64 17.47 2.17
CA MET A 474 -3.62 17.31 3.20
C MET A 474 -3.57 15.92 3.85
N ASP A 475 -4.73 15.39 4.24
CA ASP A 475 -4.80 14.12 4.97
C ASP A 475 -4.19 12.96 4.21
N LYS A 476 -4.32 12.97 2.88
CA LYS A 476 -3.80 11.90 2.04
C LYS A 476 -2.28 11.89 2.04
N VAL A 477 -1.68 13.05 2.31
CA VAL A 477 -0.24 13.17 2.42
C VAL A 477 0.23 12.82 3.84
N VAL A 478 -0.45 13.40 4.83
CA VAL A 478 -0.11 13.16 6.23
C VAL A 478 -0.20 11.68 6.60
N GLN A 479 -1.19 10.99 6.05
CA GLN A 479 -1.41 9.56 6.32
C GLN A 479 -0.17 8.71 6.03
N ILE A 480 0.41 8.92 4.85
CA ILE A 480 1.58 8.19 4.39
C ILE A 480 2.72 8.23 5.40
N VAL A 481 3.00 9.42 5.93
CA VAL A 481 4.06 9.57 6.92
C VAL A 481 3.65 9.03 8.29
N GLU A 482 2.41 9.31 8.68
CA GLU A 482 1.91 8.96 10.00
C GLU A 482 1.90 7.45 10.24
N ILE A 483 1.50 6.69 9.22
CA ILE A 483 1.42 5.23 9.36
C ILE A 483 2.81 4.61 9.41
N MET A 484 3.75 5.16 8.65
CA MET A 484 5.12 4.65 8.64
C MET A 484 5.85 4.95 9.94
N GLN A 485 5.41 5.98 10.65
CA GLN A 485 6.03 6.38 11.91
C GLN A 485 5.83 5.32 12.99
N GLN A 486 4.77 4.53 12.85
CA GLN A 486 4.39 3.54 13.85
C GLN A 486 5.52 2.57 14.16
N GLY A 487 6.07 2.69 15.37
CA GLY A 487 7.13 1.82 15.84
C GLY A 487 8.40 1.90 15.03
N SER A 488 8.69 3.09 14.50
CA SER A 488 9.84 3.28 13.62
C SER A 488 11.08 3.74 14.37
N GLN A 489 12.24 3.18 13.99
CA GLN A 489 13.50 3.55 14.59
C GLN A 489 14.26 4.52 13.68
N LEU A 490 13.60 4.98 12.63
CA LEU A 490 14.21 5.88 11.66
C LEU A 490 14.47 7.26 12.23
N PRO A 491 15.61 7.87 11.88
CA PRO A 491 16.02 9.18 12.35
C PRO A 491 15.04 10.31 12.01
N CYS A 492 14.22 10.11 10.99
CA CYS A 492 13.27 11.13 10.57
C CYS A 492 12.07 11.21 11.50
N PHE A 493 12.05 10.33 12.49
CA PHE A 493 11.00 10.33 13.50
C PHE A 493 11.61 10.51 14.89
N HIS A 494 12.76 11.19 14.92
CA HIS A 494 13.50 11.43 16.16
C HIS A 494 12.66 12.23 17.15
N GLY A 495 11.85 13.13 16.62
CA GLY A 495 10.98 13.95 17.46
C GLY A 495 9.69 13.25 17.80
N SER A 496 9.11 13.60 18.94
CA SER A 496 7.85 13.02 19.38
C SER A 496 6.66 13.66 18.67
N SER A 497 6.93 14.76 17.95
CA SER A 497 5.88 15.49 17.26
C SER A 497 6.27 15.82 15.82
N THR A 498 6.66 14.79 15.08
CA THR A 498 6.96 14.96 13.66
C THR A 498 5.67 15.26 12.88
N ILE A 499 4.64 14.46 13.16
CA ILE A 499 3.36 14.59 12.48
C ILE A 499 2.68 15.92 12.78
N ARG A 500 2.80 16.39 14.02
CA ARG A 500 2.19 17.67 14.40
C ARG A 500 2.82 18.82 13.62
N ASN A 501 4.15 18.81 13.53
CA ASN A 501 4.86 19.83 12.77
C ASN A 501 4.53 19.75 11.28
N LEU A 502 4.49 18.53 10.75
CA LEU A 502 4.10 18.32 9.37
C LEU A 502 2.72 18.90 9.09
N LYS A 503 1.79 18.68 10.01
CA LYS A 503 0.43 19.22 9.91
C LYS A 503 0.45 20.75 9.97
N GLU A 504 1.29 21.29 10.84
CA GLU A 504 1.39 22.73 11.01
C GLU A 504 1.95 23.42 9.77
N ARG A 505 2.82 22.73 9.04
CA ARG A 505 3.42 23.31 7.84
C ARG A 505 2.41 23.47 6.69
N PHE A 506 1.22 22.89 6.86
CA PHE A 506 0.16 23.05 5.87
C PHE A 506 -0.63 24.34 6.12
N HIS A 507 -0.65 24.77 7.38
CA HIS A 507 -1.39 25.97 7.79
C HIS A 507 -2.86 25.92 7.37
N MET A 508 -3.60 25.00 7.95
CA MET A 508 -5.02 24.85 7.62
C MET A 508 -5.84 25.98 8.23
N SER A 509 -5.29 26.64 9.23
CA SER A 509 -5.98 27.72 9.93
C SER A 509 -5.86 29.05 9.18
N MET A 510 -4.95 29.10 8.21
CA MET A 510 -4.71 30.33 7.45
C MET A 510 -5.70 30.51 6.30
N THR A 511 -5.94 31.77 5.94
CA THR A 511 -6.71 32.09 4.76
C THR A 511 -5.77 32.15 3.55
N GLU A 512 -6.33 32.40 2.37
CA GLU A 512 -5.52 32.42 1.16
C GLU A 512 -4.54 33.61 1.13
N GLU A 513 -4.97 34.74 1.68
CA GLU A 513 -4.10 35.91 1.78
C GLU A 513 -2.92 35.61 2.70
N GLN A 514 -3.22 34.95 3.81
CA GLN A 514 -2.20 34.57 4.77
C GLN A 514 -1.24 33.55 4.17
N LEU A 515 -1.76 32.69 3.30
CA LEU A 515 -0.92 31.75 2.56
C LEU A 515 -0.01 32.48 1.59
N GLN A 516 -0.54 33.54 0.97
CA GLN A 516 0.24 34.37 0.06
C GLN A 516 1.40 35.03 0.80
N LEU A 517 1.09 35.62 1.95
CA LEU A 517 2.12 36.22 2.80
C LEU A 517 3.14 35.17 3.23
N LEU A 518 2.65 33.98 3.54
CA LEU A 518 3.52 32.87 3.94
C LEU A 518 4.50 32.49 2.83
N VAL A 519 3.99 32.44 1.59
CA VAL A 519 4.82 32.14 0.44
C VAL A 519 5.86 33.23 0.22
N GLU A 520 5.44 34.48 0.40
CA GLU A 520 6.37 35.61 0.26
C GLU A 520 7.50 35.51 1.28
N GLN A 521 7.14 35.23 2.53
CA GLN A 521 8.12 35.06 3.61
C GLN A 521 9.06 33.89 3.32
N MET A 522 8.51 32.81 2.79
CA MET A 522 9.28 31.61 2.47
C MET A 522 10.31 31.91 1.38
N VAL A 523 9.87 32.59 0.32
CA VAL A 523 10.75 32.96 -0.78
C VAL A 523 11.84 33.92 -0.31
N ASP A 524 11.46 34.89 0.51
CA ASP A 524 12.43 35.84 1.05
C ASP A 524 13.47 35.13 1.91
N GLY A 525 13.02 34.15 2.70
CA GLY A 525 13.90 33.42 3.60
C GLY A 525 14.83 32.46 2.89
N SER A 526 14.37 31.88 1.77
CA SER A 526 15.16 30.89 1.05
C SER A 526 16.33 31.53 0.29
N MET A 527 16.29 32.84 0.12
CA MET A 527 17.36 33.55 -0.57
C MET A 527 18.49 33.94 0.38
N ASP B 9 -57.83 -7.98 18.02
CA ASP B 9 -58.03 -9.15 18.87
C ASP B 9 -56.69 -9.78 19.26
N GLU B 10 -56.71 -11.07 19.57
CA GLU B 10 -55.51 -11.76 20.05
C GLU B 10 -54.72 -12.40 18.92
N TYR B 11 -53.45 -12.69 19.18
CA TYR B 11 -52.65 -13.50 18.27
C TYR B 11 -53.06 -14.96 18.38
N ASP B 12 -52.83 -15.73 17.32
CA ASP B 12 -53.13 -17.16 17.36
C ASP B 12 -52.02 -17.89 18.10
N TYR B 13 -50.78 -17.46 17.92
CA TYR B 13 -49.67 -18.11 18.60
C TYR B 13 -48.58 -17.13 19.03
N LEU B 14 -47.94 -17.44 20.15
CA LEU B 14 -46.78 -16.67 20.61
C LEU B 14 -45.54 -17.56 20.59
N PHE B 15 -44.72 -17.41 19.56
CA PHE B 15 -43.54 -18.26 19.41
C PHE B 15 -42.33 -17.65 20.10
N LYS B 16 -41.68 -18.43 20.96
CA LYS B 16 -40.47 -17.98 21.62
C LYS B 16 -39.23 -18.50 20.90
N VAL B 17 -38.45 -17.58 20.36
CA VAL B 17 -37.24 -17.96 19.62
C VAL B 17 -36.01 -17.30 20.22
N VAL B 18 -34.98 -18.09 20.47
CA VAL B 18 -33.75 -17.56 21.02
C VAL B 18 -32.60 -17.58 20.02
N LEU B 19 -31.76 -16.56 20.08
CA LEU B 19 -30.56 -16.50 19.26
C LEU B 19 -29.34 -16.87 20.10
N ILE B 20 -28.70 -17.99 19.77
CA ILE B 20 -27.53 -18.43 20.51
C ILE B 20 -26.33 -18.62 19.59
N GLY B 21 -25.13 -18.67 20.18
CA GLY B 21 -23.91 -18.83 19.43
C GLY B 21 -22.76 -18.08 20.05
N ASP B 22 -21.56 -18.27 19.50
CA ASP B 22 -20.37 -17.61 20.02
C ASP B 22 -20.48 -16.08 19.97
N SER B 23 -19.74 -15.42 20.85
CA SER B 23 -19.75 -13.97 20.89
C SER B 23 -19.06 -13.37 19.66
N GLY B 24 -19.80 -12.56 18.91
CA GLY B 24 -19.25 -11.88 17.76
C GLY B 24 -19.68 -12.44 16.42
N VAL B 25 -20.51 -13.46 16.44
CA VAL B 25 -20.96 -14.11 15.21
C VAL B 25 -21.98 -13.28 14.45
N GLY B 26 -22.62 -12.33 15.14
CA GLY B 26 -23.55 -11.43 14.50
C GLY B 26 -25.01 -11.73 14.78
N LYS B 27 -25.32 -12.04 16.04
CA LYS B 27 -26.69 -12.35 16.42
C LYS B 27 -27.53 -11.08 16.53
N SER B 28 -26.99 -10.08 17.23
CA SER B 28 -27.70 -8.81 17.43
C SER B 28 -27.99 -8.10 16.12
N ASN B 29 -27.09 -8.25 15.15
CA ASN B 29 -27.28 -7.62 13.86
C ASN B 29 -28.25 -8.39 12.96
N LEU B 30 -28.28 -9.72 13.13
CA LEU B 30 -29.27 -10.53 12.44
C LEU B 30 -30.66 -10.15 12.94
N LEU B 31 -30.77 -10.03 14.26
CA LEU B 31 -32.01 -9.63 14.90
C LEU B 31 -32.44 -8.23 14.47
N SER B 32 -31.50 -7.29 14.45
CA SER B 32 -31.79 -5.92 14.10
C SER B 32 -32.16 -5.78 12.63
N ARG B 33 -31.58 -6.64 11.79
CA ARG B 33 -31.88 -6.63 10.37
C ARG B 33 -33.24 -7.24 10.11
N PHE B 34 -33.60 -8.24 10.90
CA PHE B 34 -34.89 -8.90 10.72
C PHE B 34 -36.06 -8.08 11.26
N THR B 35 -35.85 -7.41 12.39
CA THR B 35 -36.94 -6.72 13.07
C THR B 35 -37.05 -5.23 12.70
N ARG B 36 -35.91 -4.58 12.47
CA ARG B 36 -35.92 -3.15 12.20
C ARG B 36 -35.20 -2.79 10.90
N ASN B 37 -34.67 -3.81 10.23
CA ASN B 37 -33.90 -3.63 9.00
C ASN B 37 -32.78 -2.59 9.17
N GLU B 38 -31.99 -2.77 10.20
CA GLU B 38 -30.86 -1.88 10.47
C GLU B 38 -29.61 -2.70 10.74
N PHE B 39 -28.45 -2.06 10.60
CA PHE B 39 -27.17 -2.73 10.80
C PHE B 39 -26.12 -1.75 11.29
N ASN B 40 -25.28 -2.21 12.22
CA ASN B 40 -24.20 -1.38 12.75
C ASN B 40 -22.88 -2.15 12.79
N LEU B 41 -21.88 -1.61 12.08
CA LEU B 41 -20.59 -2.27 11.97
C LEU B 41 -19.82 -2.30 13.30
N GLU B 42 -20.17 -1.39 14.20
CA GLU B 42 -19.45 -1.26 15.47
C GLU B 42 -20.28 -1.73 16.65
N SER B 43 -21.07 -2.78 16.44
CA SER B 43 -21.95 -3.32 17.47
C SER B 43 -21.16 -3.84 18.67
N LYS B 44 -21.53 -3.36 19.86
CA LYS B 44 -20.86 -3.78 21.09
C LYS B 44 -21.42 -5.10 21.59
N SER B 45 -20.75 -5.68 22.58
CA SER B 45 -21.17 -6.96 23.14
C SER B 45 -22.52 -6.85 23.83
N THR B 46 -23.38 -7.85 23.60
CA THR B 46 -24.70 -7.88 24.20
C THR B 46 -24.63 -8.16 25.70
N ILE B 47 -25.25 -7.28 26.49
CA ILE B 47 -25.28 -7.44 27.93
C ILE B 47 -26.48 -8.28 28.36
N GLY B 48 -26.26 -9.56 28.60
CA GLY B 48 -27.32 -10.44 29.05
C GLY B 48 -28.21 -10.93 27.92
N VAL B 49 -29.21 -10.13 27.57
CA VAL B 49 -30.14 -10.49 26.51
C VAL B 49 -30.74 -9.24 25.87
N GLU B 50 -31.07 -9.33 24.58
CA GLU B 50 -31.74 -8.24 23.89
C GLU B 50 -33.08 -8.73 23.33
N PHE B 51 -34.12 -7.93 23.50
CA PHE B 51 -35.46 -8.34 23.12
C PHE B 51 -35.95 -7.63 21.86
N ALA B 52 -36.37 -8.42 20.87
CA ALA B 52 -37.03 -7.85 19.71
C ALA B 52 -38.23 -8.72 19.36
N THR B 53 -39.14 -8.21 18.55
CA THR B 53 -40.33 -8.95 18.22
C THR B 53 -40.81 -8.66 16.79
N ARG B 54 -41.53 -9.62 16.22
CA ARG B 54 -42.11 -9.41 14.90
C ARG B 54 -43.28 -10.35 14.65
N SER B 55 -44.42 -9.80 14.23
CA SER B 55 -45.61 -10.59 14.01
C SER B 55 -45.77 -11.00 12.55
N ILE B 56 -45.73 -12.31 12.30
CA ILE B 56 -45.95 -12.84 10.96
C ILE B 56 -47.30 -13.54 10.90
N GLN B 57 -47.73 -13.89 9.68
CA GLN B 57 -48.99 -14.59 9.50
C GLN B 57 -48.81 -15.82 8.63
N VAL B 58 -49.13 -16.98 9.18
CA VAL B 58 -48.98 -18.24 8.46
C VAL B 58 -50.30 -19.02 8.44
N ASP B 59 -50.75 -19.38 7.24
CA ASP B 59 -51.95 -20.18 7.04
C ASP B 59 -53.18 -19.57 7.72
N GLY B 60 -53.33 -18.25 7.59
CA GLY B 60 -54.48 -17.56 8.15
C GLY B 60 -54.37 -17.33 9.65
N LYS B 61 -53.31 -17.86 10.26
CA LYS B 61 -53.11 -17.72 11.70
C LYS B 61 -52.04 -16.68 12.01
N THR B 62 -52.33 -15.80 12.96
CA THR B 62 -51.39 -14.76 13.36
C THR B 62 -50.44 -15.25 14.45
N ILE B 63 -49.14 -15.07 14.21
CA ILE B 63 -48.13 -15.53 15.13
C ILE B 63 -47.15 -14.42 15.48
N LYS B 64 -47.11 -14.05 16.75
CA LYS B 64 -46.13 -13.08 17.21
C LYS B 64 -44.85 -13.81 17.61
N ALA B 65 -43.76 -13.45 16.94
CA ALA B 65 -42.45 -14.02 17.24
C ALA B 65 -41.73 -13.14 18.24
N GLN B 66 -41.56 -13.67 19.45
CA GLN B 66 -40.75 -13.04 20.49
C GLN B 66 -39.33 -13.59 20.42
N ILE B 67 -38.42 -12.74 19.97
CA ILE B 67 -37.04 -13.15 19.75
C ILE B 67 -36.11 -12.56 20.80
N TRP B 68 -35.33 -13.44 21.42
CA TRP B 68 -34.38 -13.06 22.45
C TRP B 68 -32.95 -13.35 22.01
N ASP B 69 -32.22 -12.30 21.66
CA ASP B 69 -30.79 -12.42 21.34
C ASP B 69 -30.00 -12.64 22.63
N THR B 70 -29.49 -13.85 22.81
CA THR B 70 -28.75 -14.17 24.04
C THR B 70 -27.29 -13.75 23.92
N ALA B 71 -26.63 -13.59 25.06
CA ALA B 71 -25.24 -13.17 25.09
C ALA B 71 -24.30 -14.36 24.94
N GLY B 72 -23.36 -14.26 24.00
CA GLY B 72 -22.42 -15.33 23.72
C GLY B 72 -21.39 -15.54 24.81
N LEU B 73 -21.06 -14.46 25.54
CA LEU B 73 -20.08 -14.53 26.61
C LEU B 73 -20.58 -15.37 27.78
N GLU B 74 -19.63 -15.91 28.55
CA GLU B 74 -19.97 -16.75 29.70
C GLU B 74 -20.55 -15.93 30.85
N ARG B 75 -20.19 -14.65 30.88
CA ARG B 75 -20.60 -13.72 31.93
C ARG B 75 -22.10 -13.78 32.23
N TYR B 76 -22.89 -13.94 31.17
CA TYR B 76 -24.35 -13.94 31.30
C TYR B 76 -24.94 -15.29 30.92
N ARG B 77 -24.07 -16.29 30.77
CA ARG B 77 -24.48 -17.61 30.28
C ARG B 77 -25.69 -18.18 31.02
N ALA B 78 -25.61 -18.19 32.36
CA ALA B 78 -26.68 -18.71 33.19
C ALA B 78 -28.00 -17.99 32.91
N ILE B 79 -27.92 -16.67 32.76
CA ILE B 79 -29.09 -15.85 32.48
C ILE B 79 -29.67 -16.19 31.12
N THR B 80 -28.81 -16.62 30.21
CA THR B 80 -29.25 -17.00 28.87
C THR B 80 -29.84 -18.41 28.89
N SER B 81 -29.64 -19.12 29.98
CA SER B 81 -30.17 -20.48 30.12
C SER B 81 -31.60 -20.45 30.66
N ALA B 82 -32.04 -19.27 31.09
CA ALA B 82 -33.40 -19.09 31.59
C ALA B 82 -34.35 -18.73 30.45
N TYR B 83 -33.77 -18.34 29.31
CA TYR B 83 -34.56 -18.03 28.14
C TYR B 83 -34.71 -19.24 27.23
N TYR B 84 -33.97 -20.30 27.55
CA TYR B 84 -34.13 -21.58 26.87
C TYR B 84 -35.46 -22.19 27.29
N ARG B 85 -35.89 -21.87 28.51
CA ARG B 85 -37.13 -22.39 29.07
C ARG B 85 -38.35 -21.85 28.34
N GLY B 86 -39.09 -22.74 27.68
CA GLY B 86 -40.29 -22.36 26.97
C GLY B 86 -40.05 -22.00 25.52
N ALA B 87 -38.79 -22.01 25.12
CA ALA B 87 -38.42 -21.66 23.75
C ALA B 87 -38.80 -22.76 22.77
N VAL B 88 -39.53 -22.37 21.72
CA VAL B 88 -39.91 -23.32 20.67
C VAL B 88 -38.93 -23.24 19.50
N GLY B 89 -38.18 -22.15 19.42
CA GLY B 89 -37.23 -21.97 18.34
C GLY B 89 -35.85 -21.53 18.78
N ALA B 90 -34.83 -21.97 18.05
CA ALA B 90 -33.46 -21.59 18.38
C ALA B 90 -32.58 -21.46 17.13
N LEU B 91 -31.95 -20.30 16.99
CA LEU B 91 -30.99 -20.10 15.92
C LEU B 91 -29.56 -20.21 16.44
N LEU B 92 -28.88 -21.27 16.01
CA LEU B 92 -27.48 -21.48 16.36
C LEU B 92 -26.60 -20.80 15.31
N VAL B 93 -26.08 -19.63 15.66
CA VAL B 93 -25.34 -18.82 14.71
C VAL B 93 -23.83 -18.95 14.88
N TYR B 94 -23.13 -19.15 13.78
CA TYR B 94 -21.67 -19.12 13.79
C TYR B 94 -21.16 -18.18 12.70
N ASP B 95 -19.85 -17.94 12.71
CA ASP B 95 -19.20 -17.08 11.73
C ASP B 95 -18.45 -17.94 10.72
N ILE B 96 -18.58 -17.62 9.43
CA ILE B 96 -17.89 -18.39 8.40
C ILE B 96 -16.45 -17.94 8.25
N ALA B 97 -16.09 -16.84 8.89
CA ALA B 97 -14.73 -16.33 8.86
C ALA B 97 -13.92 -16.85 10.03
N LYS B 98 -14.61 -17.17 11.13
CA LYS B 98 -13.97 -17.75 12.30
C LYS B 98 -14.35 -19.21 12.45
N HIS B 99 -13.37 -20.10 12.28
CA HIS B 99 -13.63 -21.53 12.33
C HIS B 99 -13.96 -22.00 13.74
N LEU B 100 -13.42 -21.31 14.74
CA LEU B 100 -13.63 -21.67 16.13
C LEU B 100 -15.11 -21.61 16.53
N THR B 101 -15.81 -20.60 16.03
CA THR B 101 -17.23 -20.44 16.29
C THR B 101 -18.00 -21.61 15.70
N TYR B 102 -17.50 -22.17 14.60
CA TYR B 102 -18.09 -23.35 14.00
C TYR B 102 -17.75 -24.58 14.83
N GLU B 103 -16.60 -24.55 15.49
CA GLU B 103 -16.18 -25.65 16.35
C GLU B 103 -17.06 -25.73 17.59
N ASN B 104 -17.47 -24.57 18.10
CA ASN B 104 -18.27 -24.51 19.33
C ASN B 104 -19.76 -24.78 19.10
N VAL B 105 -20.13 -24.99 17.84
CA VAL B 105 -21.52 -25.26 17.49
C VAL B 105 -22.03 -26.51 18.20
N GLU B 106 -21.19 -27.54 18.25
CA GLU B 106 -21.54 -28.78 18.93
C GLU B 106 -21.78 -28.54 20.42
N ARG B 107 -20.95 -27.70 21.01
CA ARG B 107 -21.09 -27.35 22.42
C ARG B 107 -22.40 -26.61 22.67
N TRP B 108 -22.74 -25.70 21.76
CA TRP B 108 -24.01 -24.98 21.86
C TRP B 108 -25.19 -25.94 21.69
N LEU B 109 -25.01 -26.96 20.87
CA LEU B 109 -26.01 -28.00 20.70
C LEU B 109 -26.22 -28.75 22.01
N LYS B 110 -25.13 -29.13 22.65
CA LYS B 110 -25.19 -29.86 23.90
C LYS B 110 -25.86 -29.04 25.00
N GLU B 111 -25.47 -27.77 25.11
CA GLU B 111 -26.03 -26.89 26.13
C GLU B 111 -27.51 -26.64 25.86
N LEU B 112 -27.86 -26.51 24.58
CA LEU B 112 -29.26 -26.31 24.19
C LEU B 112 -30.09 -27.54 24.50
N ARG B 113 -29.46 -28.71 24.42
CA ARG B 113 -30.14 -29.95 24.75
C ARG B 113 -29.97 -30.29 26.23
N ASP B 114 -29.37 -29.36 26.97
CA ASP B 114 -29.22 -29.51 28.41
C ASP B 114 -30.20 -28.61 29.18
N HIS B 115 -30.44 -27.41 28.65
CA HIS B 115 -31.25 -26.44 29.37
C HIS B 115 -32.57 -26.10 28.68
N ALA B 116 -32.84 -26.74 27.53
CA ALA B 116 -34.06 -26.45 26.80
C ALA B 116 -34.83 -27.71 26.44
N ASP B 117 -35.90 -27.54 25.67
CA ASP B 117 -36.74 -28.64 25.23
C ASP B 117 -36.01 -29.52 24.23
N SER B 118 -36.34 -30.80 24.21
CA SER B 118 -35.75 -31.74 23.25
C SER B 118 -36.42 -31.61 21.89
N ASN B 119 -37.69 -31.19 21.90
CA ASN B 119 -38.45 -31.02 20.67
C ASN B 119 -38.34 -29.61 20.11
N ILE B 120 -37.25 -28.92 20.44
CA ILE B 120 -37.04 -27.56 19.97
C ILE B 120 -36.51 -27.57 18.54
N VAL B 121 -36.91 -26.58 17.76
CA VAL B 121 -36.47 -26.48 16.37
C VAL B 121 -35.16 -25.70 16.26
N ILE B 122 -34.14 -26.35 15.70
CA ILE B 122 -32.83 -25.75 15.61
C ILE B 122 -32.47 -25.37 14.17
N MET B 123 -32.17 -24.09 13.99
CA MET B 123 -31.75 -23.55 12.71
C MET B 123 -30.27 -23.18 12.75
N LEU B 124 -29.46 -23.90 11.98
CA LEU B 124 -28.03 -23.60 11.89
C LEU B 124 -27.79 -22.45 10.92
N VAL B 125 -27.26 -21.35 11.44
CA VAL B 125 -27.03 -20.15 10.65
C VAL B 125 -25.55 -19.82 10.51
N GLY B 126 -25.09 -19.69 9.28
CA GLY B 126 -23.72 -19.26 9.01
C GLY B 126 -23.70 -17.80 8.58
N ASN B 127 -23.49 -16.91 9.54
CA ASN B 127 -23.56 -15.48 9.27
C ASN B 127 -22.30 -14.95 8.60
N LYS B 128 -22.38 -13.70 8.12
CA LYS B 128 -21.26 -12.99 7.49
C LYS B 128 -20.80 -13.69 6.21
N SER B 129 -21.74 -13.94 5.30
CA SER B 129 -21.42 -14.58 4.04
C SER B 129 -20.84 -13.59 3.04
N ASP B 130 -20.96 -12.29 3.35
CA ASP B 130 -20.43 -11.24 2.48
C ASP B 130 -18.90 -11.24 2.50
N LEU B 131 -18.33 -11.74 3.59
CA LEU B 131 -16.88 -11.86 3.72
C LEU B 131 -16.37 -13.07 2.96
N ARG B 132 -16.59 -13.08 1.64
CA ARG B 132 -16.25 -14.21 0.78
C ARG B 132 -14.79 -14.63 0.88
N HIS B 133 -13.90 -13.65 0.87
CA HIS B 133 -12.46 -13.93 0.82
C HIS B 133 -11.89 -14.30 2.19
N LEU B 134 -12.71 -14.20 3.22
CA LEU B 134 -12.27 -14.52 4.57
C LEU B 134 -12.87 -15.82 5.07
N ARG B 135 -13.55 -16.54 4.19
CA ARG B 135 -14.26 -17.76 4.56
C ARG B 135 -13.32 -18.82 5.15
N ALA B 136 -13.70 -19.33 6.32
CA ALA B 136 -12.92 -20.37 6.99
C ALA B 136 -13.73 -21.65 7.11
N VAL B 137 -15.00 -21.58 6.73
CA VAL B 137 -15.90 -22.74 6.81
C VAL B 137 -16.64 -22.95 5.50
N PRO B 138 -16.40 -24.09 4.85
CA PRO B 138 -17.08 -24.41 3.59
C PRO B 138 -18.56 -24.74 3.81
N THR B 139 -19.41 -24.31 2.88
CA THR B 139 -20.85 -24.48 3.00
C THR B 139 -21.26 -25.95 3.01
N ASP B 140 -20.60 -26.76 2.20
CA ASP B 140 -20.93 -28.18 2.07
C ASP B 140 -20.71 -28.94 3.38
N GLU B 141 -19.62 -28.61 4.07
CA GLU B 141 -19.31 -29.25 5.35
C GLU B 141 -20.36 -28.93 6.41
N ALA B 142 -20.72 -27.64 6.49
CA ALA B 142 -21.70 -27.18 7.45
C ALA B 142 -23.09 -27.77 7.16
N ARG B 143 -23.43 -27.84 5.89
CA ARG B 143 -24.69 -28.44 5.47
C ARG B 143 -24.71 -29.92 5.84
N ALA B 144 -23.58 -30.59 5.64
CA ALA B 144 -23.45 -32.00 5.99
C ALA B 144 -23.65 -32.21 7.48
N PHE B 145 -23.02 -31.36 8.29
CA PHE B 145 -23.14 -31.45 9.74
C PHE B 145 -24.57 -31.18 10.19
N ALA B 146 -25.23 -30.22 9.55
CA ALA B 146 -26.61 -29.87 9.89
C ALA B 146 -27.57 -31.01 9.55
N GLU B 147 -27.35 -31.64 8.40
CA GLU B 147 -28.20 -32.74 7.96
C GLU B 147 -27.92 -34.00 8.77
N LYS B 148 -26.72 -34.12 9.31
CA LYS B 148 -26.33 -35.30 10.08
C LYS B 148 -26.94 -35.28 11.48
N ASN B 149 -27.24 -34.08 11.97
CA ASN B 149 -27.81 -33.93 13.32
C ASN B 149 -29.27 -33.48 13.32
N GLY B 150 -29.90 -33.54 12.15
CA GLY B 150 -31.31 -33.17 12.03
C GLY B 150 -31.57 -31.70 12.33
N LEU B 151 -30.71 -30.84 11.79
CA LEU B 151 -30.87 -29.40 11.98
C LEU B 151 -31.21 -28.73 10.66
N SER B 152 -31.85 -27.57 10.73
CA SER B 152 -32.03 -26.75 9.54
C SER B 152 -30.69 -26.08 9.24
N PHE B 153 -30.52 -25.54 8.03
CA PHE B 153 -29.27 -24.91 7.68
C PHE B 153 -29.43 -23.80 6.65
N ILE B 154 -28.72 -22.69 6.88
CA ILE B 154 -28.74 -21.57 5.95
C ILE B 154 -27.58 -20.61 6.25
N GLU B 155 -27.01 -20.02 5.20
CA GLU B 155 -25.95 -19.03 5.38
C GLU B 155 -26.52 -17.63 5.18
N THR B 156 -26.26 -16.74 6.13
CA THR B 156 -26.84 -15.41 6.10
C THR B 156 -25.78 -14.31 6.12
N SER B 157 -26.24 -13.07 5.97
CA SER B 157 -25.40 -11.90 6.08
C SER B 157 -26.24 -10.71 6.50
N ALA B 158 -26.08 -10.30 7.76
CA ALA B 158 -26.85 -9.18 8.30
C ALA B 158 -26.44 -7.86 7.66
N LEU B 159 -25.26 -7.86 7.04
CA LEU B 159 -24.73 -6.64 6.42
C LEU B 159 -25.51 -6.27 5.17
N ASP B 160 -25.67 -7.22 4.26
CA ASP B 160 -26.39 -6.98 3.02
C ASP B 160 -27.78 -7.60 3.02
N SER B 161 -28.20 -8.06 4.19
CA SER B 161 -29.54 -8.64 4.40
C SER B 161 -29.84 -9.82 3.49
N THR B 162 -28.87 -10.74 3.36
CA THR B 162 -29.07 -11.93 2.56
C THR B 162 -29.55 -13.10 3.41
N ASN B 163 -30.67 -13.69 3.00
CA ASN B 163 -31.22 -14.87 3.65
C ASN B 163 -31.55 -14.69 5.13
N VAL B 164 -31.81 -13.45 5.54
CA VAL B 164 -32.17 -13.18 6.94
C VAL B 164 -33.62 -13.56 7.20
N GLU B 165 -34.52 -12.84 6.53
CA GLU B 165 -35.96 -13.12 6.62
C GLU B 165 -36.25 -14.53 6.13
N ALA B 166 -35.41 -15.02 5.21
CA ALA B 166 -35.51 -16.39 4.75
C ALA B 166 -35.32 -17.36 5.90
N ALA B 167 -34.23 -17.16 6.65
CA ALA B 167 -33.94 -18.00 7.82
C ALA B 167 -35.04 -17.94 8.86
N PHE B 168 -35.39 -16.72 9.27
CA PHE B 168 -36.40 -16.54 10.31
C PHE B 168 -37.76 -17.12 9.92
N GLN B 169 -38.25 -16.78 8.73
CA GLN B 169 -39.53 -17.30 8.28
C GLN B 169 -39.49 -18.80 8.07
N THR B 170 -38.32 -19.32 7.72
CA THR B 170 -38.15 -20.76 7.57
C THR B 170 -38.35 -21.47 8.91
N ILE B 171 -37.60 -21.04 9.93
CA ILE B 171 -37.70 -21.70 11.23
C ILE B 171 -39.08 -21.47 11.84
N LEU B 172 -39.68 -20.31 11.59
CA LEU B 172 -41.00 -20.01 12.13
C LEU B 172 -42.09 -20.87 11.51
N THR B 173 -42.07 -20.97 10.18
CA THR B 173 -43.04 -21.81 9.48
C THR B 173 -42.84 -23.29 9.84
N GLU B 174 -41.59 -23.69 10.05
CA GLU B 174 -41.31 -25.06 10.47
C GLU B 174 -41.90 -25.32 11.85
N ILE B 175 -41.70 -24.38 12.77
CA ILE B 175 -42.29 -24.46 14.10
C ILE B 175 -43.81 -24.57 14.03
N TYR B 176 -44.43 -23.74 13.18
CA TYR B 176 -45.86 -23.78 13.00
C TYR B 176 -46.33 -25.12 12.47
N ARG B 177 -45.56 -25.70 11.56
CA ARG B 177 -45.87 -27.01 11.00
C ARG B 177 -45.81 -28.09 12.08
N ILE B 178 -44.76 -28.07 12.89
CA ILE B 178 -44.60 -29.04 13.97
C ILE B 178 -45.72 -28.93 14.99
N VAL B 179 -46.08 -27.69 15.34
CA VAL B 179 -47.16 -27.44 16.30
C VAL B 179 -48.50 -27.93 15.76
N SER B 180 -48.78 -27.61 14.49
CA SER B 180 -50.06 -27.97 13.88
C SER B 180 -50.22 -29.47 13.68
N GLN B 181 -49.13 -30.13 13.27
CA GLN B 181 -49.17 -31.56 13.00
C GLN B 181 -49.36 -32.38 14.28
N LYS B 182 -48.85 -31.87 15.40
CA LYS B 182 -48.99 -32.56 16.68
C LYS B 182 -50.34 -32.28 17.33
N GLN B 183 -51.19 -31.55 16.62
CA GLN B 183 -52.51 -31.19 17.13
C GLN B 183 -53.61 -31.87 16.32
S SO4 C . 29.09 23.97 -7.31
O1 SO4 C . 30.54 23.91 -7.29
O2 SO4 C . 28.64 25.36 -7.13
O3 SO4 C . 28.59 23.47 -8.58
O4 SO4 C . 28.55 23.15 -6.22
S SO4 D . 3.91 -14.04 11.90
O1 SO4 D . 4.93 -13.73 10.90
O2 SO4 D . 4.58 -14.44 13.15
O3 SO4 D . 3.07 -15.13 11.43
O4 SO4 D . 3.09 -12.86 12.14
PG GSP E . -22.89 -11.04 21.23
O3B GSP E . -22.33 -10.64 19.78
S1G GSP E . -21.75 -10.68 22.43
O2G GSP E . -23.25 -12.54 21.27
O3G GSP E . -24.18 -10.23 21.50
PB GSP E . -23.23 -10.87 18.46
O1B GSP E . -23.38 -12.32 18.19
O2B GSP E . -24.55 -10.20 18.60
PA GSP E . -22.67 -8.72 16.73
O1A GSP E . -22.45 -7.71 17.79
O2A GSP E . -24.03 -8.64 16.18
O3A GSP E . -22.37 -10.21 17.27
O5' GSP E . -21.58 -8.61 15.55
C5' GSP E . -20.20 -8.61 15.84
C4' GSP E . -19.48 -7.82 14.75
O4' GSP E . -19.58 -8.52 13.52
C3' GSP E . -20.10 -6.45 14.57
O3' GSP E . -19.09 -5.47 14.61
C2' GSP E . -20.73 -6.48 13.20
O2' GSP E . -20.42 -5.33 12.49
C1' GSP E . -20.11 -7.68 12.51
N9 GSP E . -21.14 -8.39 11.72
C8 GSP E . -22.31 -8.90 12.21
N7 GSP E . -22.99 -9.47 11.18
C5 GSP E . -22.27 -9.32 10.05
C6 GSP E . -22.50 -9.70 8.74
O6 GSP E . -23.54 -10.31 8.44
N1 GSP E . -21.57 -9.42 7.76
C2 GSP E . -20.41 -8.74 8.10
N2 GSP E . -19.51 -8.46 7.16
N3 GSP E . -20.19 -8.36 9.41
C4 GSP E . -21.10 -8.64 10.37
MG MG F . -24.76 -8.63 20.24
#